data_6WYB
#
_entry.id   6WYB
#
_cell.length_a   68.970
_cell.length_b   112.940
_cell.length_c   148.560
_cell.angle_alpha   90.000
_cell.angle_beta   90.000
_cell.angle_gamma   90.000
#
_symmetry.space_group_name_H-M   'P 2 21 21'
#
loop_
_entity.id
_entity.type
_entity.pdbx_description
1 polymer 'DNA polymerase'
2 polymer 'RNA strand'
3 polymer 'DNA strand'
4 non-polymer 'SULFATE ION'
5 non-polymer "3,3',3''-phosphanetriyltripropanoic acid"
6 non-polymer 1,2-ETHANEDIOL
7 water water
#
loop_
_entity_poly.entity_id
_entity_poly.type
_entity_poly.pdbx_seq_one_letter_code
_entity_poly.pdbx_strand_id
1 'polypeptide(L)'
;MILDTDYITEDGKPVIRIFKKENGEFKIEYDRTFEPYLYALLKDDSAIEEVKKITAERHGTVVTVKRVEKVQKKFLGRPV
EVWKLYFTHPQDVPAIMDKIREHPAVIDIYEYDIPFAIRYLIDKGLVPMEGDEELKLLAFDIETLYHEGEEFAEGPILMI
SYADEEGARVITWKNVDLPYVDVVSTEREMIKRFLRVVKEKDPDVLITYDGDNFDFAYLKKRCEKLGINFALGRDGSEPK
IQRMGDRFAVEVKGRIHFDLYPVIRRTINLPTYTLEAVYEAVFGQPKEKVYAEEITTAWETGENLERVARYSMEDAKVTY
ELGKEFLPMEAQLSRLIGQSLWDVSRSSTGNLVEWFLLRKAYERNELAPNKPDEKELARRHQSHEGGYIKEPERGLWENI
VYLDFRSLYPSIIITHNVSPDTLNREGCKEYDVAPQVGHRFCKDFPGFIPSLLGDLLEERQKIKKRMKATIDPIERKLLD
YRQRAIKILANSLYGYYGYARARWYCKECAESVIAWGREYLTMTIKEIEEKYGFKVIYSDTDGFFATIPGADAETVKKKA
MEFLKYINAKLPGALELEYEGFYKRGLFVTKKKYAVIDEEGKITTRGLEIVRRDWSEIAKETQARVLEALLKDGDVEKAV
RIVKEVTEKLSKYEVPPEKLVIHKQITRDLKDYKATGPHVAVAKRLAARGVKIRPGTVISYIVLKGSGRIVDRAIPFDEF
DPTKHKYDAEYYIEKQVLPAVERILRAFGYRKEDLRYQKTRQVGLSARLKPKGT
;
A
2 'polyribonucleotide' UAUAGGCAUACGACCA B
3 'polydeoxyribonucleotide' (DT)(DG)(DG)(DT)(DC)(DG)(DT)(DA)(DT)(DG)(DC)(DC)(DT) C
#
loop_
_chem_comp.id
_chem_comp.type
_chem_comp.name
_chem_comp.formula
A RNA linking ADENOSINE-5'-MONOPHOSPHATE 'C10 H14 N5 O7 P'
C RNA linking CYTIDINE-5'-MONOPHOSPHATE 'C9 H14 N3 O8 P'
DA DNA linking 2'-DEOXYADENOSINE-5'-MONOPHOSPHATE 'C10 H14 N5 O6 P'
DC DNA linking 2'-DEOXYCYTIDINE-5'-MONOPHOSPHATE 'C9 H14 N3 O7 P'
DG DNA linking 2'-DEOXYGUANOSINE-5'-MONOPHOSPHATE 'C10 H14 N5 O7 P'
DT DNA linking THYMIDINE-5'-MONOPHOSPHATE 'C10 H15 N2 O8 P'
EDO non-polymer 1,2-ETHANEDIOL 'C2 H6 O2'
G RNA linking GUANOSINE-5'-MONOPHOSPHATE 'C10 H14 N5 O8 P'
SO4 non-polymer 'SULFATE ION' 'O4 S -2'
TCE non-polymer '3,3',3''-phosphanetriyltripropanoic acid' 'C9 H15 O6 P'
U RNA linking URIDINE-5'-MONOPHOSPHATE 'C9 H13 N2 O9 P'
#
# COMPACT_ATOMS: atom_id res chain seq x y z
N MET A 1 -8.40 -9.80 23.75
CA MET A 1 -8.66 -9.96 22.32
C MET A 1 -7.98 -11.20 21.77
N ILE A 2 -8.03 -11.36 20.44
CA ILE A 2 -7.33 -12.43 19.74
C ILE A 2 -6.17 -11.80 18.99
N LEU A 3 -4.95 -12.33 19.20
CA LEU A 3 -3.78 -11.79 18.52
C LEU A 3 -3.43 -12.56 17.25
N ASP A 4 -3.48 -13.89 17.27
CA ASP A 4 -3.08 -14.68 16.10
C ASP A 4 -3.56 -16.11 16.30
N THR A 5 -3.61 -16.84 15.20
CA THR A 5 -3.91 -18.26 15.24
C THR A 5 -2.91 -18.99 14.36
N ASP A 6 -2.57 -20.21 14.76
CA ASP A 6 -1.77 -21.07 13.90
C ASP A 6 -2.17 -22.52 14.19
N TYR A 7 -1.49 -23.46 13.56
CA TYR A 7 -1.71 -24.85 13.94
C TYR A 7 -0.40 -25.61 14.04
N ILE A 8 -0.34 -26.53 14.99
CA ILE A 8 0.73 -27.52 15.04
C ILE A 8 0.14 -28.89 14.76
N THR A 9 1.01 -29.83 14.38
CA THR A 9 0.59 -31.20 14.12
C THR A 9 1.02 -32.06 15.29
N GLU A 10 0.04 -32.69 15.94
CA GLU A 10 0.27 -33.54 17.09
C GLU A 10 -0.30 -34.92 16.77
N ASP A 11 0.57 -35.93 16.69
CA ASP A 11 0.19 -37.30 16.32
C ASP A 11 -0.63 -37.33 15.03
N GLY A 12 -0.09 -36.70 13.99
CA GLY A 12 -0.72 -36.64 12.66
C GLY A 12 -2.03 -35.86 12.63
N LYS A 13 -2.43 -35.26 13.76
CA LYS A 13 -3.71 -34.51 13.83
C LYS A 13 -3.43 -33.00 14.01
N PRO A 14 -4.15 -32.10 13.30
CA PRO A 14 -3.93 -30.67 13.41
C PRO A 14 -4.64 -30.03 14.61
N VAL A 15 -3.90 -29.25 15.40
CA VAL A 15 -4.46 -28.55 16.54
C VAL A 15 -4.27 -27.06 16.32
N ILE A 16 -5.38 -26.32 16.39
CA ILE A 16 -5.38 -24.88 16.28
C ILE A 16 -4.93 -24.26 17.60
N ARG A 17 -4.03 -23.29 17.52
CA ARG A 17 -3.66 -22.46 18.65
C ARG A 17 -4.19 -21.04 18.41
N ILE A 18 -4.90 -20.52 19.39
CA ILE A 18 -5.38 -19.15 19.39
C ILE A 18 -4.62 -18.42 20.49
N PHE A 19 -3.79 -17.46 20.08
CA PHE A 19 -3.10 -16.57 21.00
C PHE A 19 -4.03 -15.43 21.39
N LYS A 20 -4.17 -15.21 22.70
CA LYS A 20 -5.13 -14.26 23.18
C LYS A 20 -4.47 -13.42 24.27
N LYS A 21 -5.07 -12.25 24.48
CA LYS A 21 -4.71 -11.38 25.59
C LYS A 21 -6.01 -10.96 26.26
N GLU A 22 -6.31 -11.55 27.41
CA GLU A 22 -7.52 -11.25 28.15
C GLU A 22 -7.15 -10.73 29.53
N ASN A 23 -7.54 -9.48 29.82
CA ASN A 23 -7.39 -8.88 31.14
C ASN A 23 -5.93 -8.85 31.59
N GLY A 24 -5.05 -8.42 30.69
CA GLY A 24 -3.66 -8.24 31.06
C GLY A 24 -2.78 -9.48 31.01
N GLU A 25 -3.33 -10.64 30.65
CA GLU A 25 -2.57 -11.89 30.70
C GLU A 25 -2.63 -12.63 29.37
N PHE A 26 -1.46 -13.01 28.88
CA PHE A 26 -1.32 -13.80 27.66
C PHE A 26 -1.89 -15.19 27.87
N LYS A 27 -2.62 -15.70 26.88
CA LYS A 27 -3.28 -16.98 27.03
C LYS A 27 -3.25 -17.72 25.69
N ILE A 28 -3.19 -19.04 25.75
CA ILE A 28 -3.24 -19.86 24.55
C ILE A 28 -4.41 -20.81 24.68
N GLU A 29 -5.35 -20.72 23.75
CA GLU A 29 -6.46 -21.65 23.66
C GLU A 29 -6.16 -22.69 22.60
N TYR A 30 -6.46 -23.94 22.90
CA TYR A 30 -6.24 -25.03 21.97
C TYR A 30 -7.58 -25.53 21.46
N ASP A 31 -7.64 -25.81 20.15
CA ASP A 31 -8.81 -26.44 19.54
C ASP A 31 -8.34 -27.65 18.73
N ARG A 32 -8.81 -28.84 19.12
CA ARG A 32 -8.46 -30.06 18.41
C ARG A 32 -9.58 -30.57 17.50
N THR A 33 -10.65 -29.79 17.32
CA THR A 33 -11.87 -30.31 16.72
C THR A 33 -12.11 -29.83 15.30
N PHE A 34 -11.32 -28.89 14.79
CA PHE A 34 -11.59 -28.33 13.47
C PHE A 34 -10.97 -29.19 12.38
N GLU A 35 -11.69 -29.35 11.27
CA GLU A 35 -11.18 -30.24 10.24
C GLU A 35 -11.21 -29.56 8.87
N PRO A 36 -10.17 -29.77 8.06
CA PRO A 36 -10.12 -29.13 6.74
C PRO A 36 -11.11 -29.80 5.80
N TYR A 37 -11.45 -29.10 4.71
CA TYR A 37 -12.44 -29.65 3.79
C TYR A 37 -12.33 -28.98 2.42
N LEU A 38 -13.06 -29.55 1.45
CA LEU A 38 -13.35 -28.87 0.20
C LEU A 38 -14.81 -29.08 -0.20
N TYR A 39 -15.23 -28.39 -1.23
CA TYR A 39 -16.56 -28.57 -1.81
C TYR A 39 -16.44 -29.19 -3.19
N ALA A 40 -17.33 -30.11 -3.52
CA ALA A 40 -17.32 -30.79 -4.80
C ALA A 40 -18.70 -30.74 -5.43
N LEU A 41 -18.78 -30.22 -6.65
CA LEU A 41 -20.00 -30.18 -7.43
C LEU A 41 -20.00 -31.37 -8.39
N LEU A 42 -21.00 -32.23 -8.24
CA LEU A 42 -21.08 -33.55 -8.85
C LEU A 42 -22.21 -33.60 -9.87
N LYS A 43 -22.12 -34.59 -10.76
CA LYS A 43 -23.13 -34.81 -11.83
C LYS A 43 -24.45 -35.23 -11.17
N ASP A 44 -24.38 -36.14 -10.19
CA ASP A 44 -25.60 -36.63 -9.50
C ASP A 44 -25.25 -37.00 -8.06
N ASP A 45 -26.27 -36.99 -7.19
CA ASP A 45 -26.09 -37.36 -5.75
C ASP A 45 -25.44 -38.74 -5.64
N SER A 46 -25.90 -39.69 -6.47
CA SER A 46 -25.38 -41.05 -6.50
C SER A 46 -23.86 -41.06 -6.50
N ALA A 47 -23.25 -40.12 -7.23
CA ALA A 47 -21.85 -40.21 -7.51
C ALA A 47 -21.01 -40.15 -6.25
N ILE A 48 -21.54 -39.58 -5.15
CA ILE A 48 -20.77 -39.46 -3.93
C ILE A 48 -20.20 -40.82 -3.53
N GLU A 49 -20.94 -41.90 -3.80
CA GLU A 49 -20.50 -43.21 -3.34
C GLU A 49 -19.15 -43.59 -3.93
N GLU A 50 -18.90 -43.13 -5.14
CA GLU A 50 -17.63 -43.37 -5.80
C GLU A 50 -16.59 -42.33 -5.40
N VAL A 51 -17.03 -41.09 -5.20
CA VAL A 51 -16.11 -39.98 -4.95
C VAL A 51 -15.58 -40.05 -3.52
N LYS A 52 -16.43 -40.47 -2.58
CA LYS A 52 -16.00 -40.52 -1.16
C LYS A 52 -14.92 -41.59 -0.96
N LYS A 53 -14.73 -42.49 -1.93
CA LYS A 53 -13.72 -43.57 -1.80
C LYS A 53 -12.40 -43.16 -2.46
N ILE A 54 -12.34 -41.97 -3.06
CA ILE A 54 -11.09 -41.51 -3.74
C ILE A 54 -9.96 -41.38 -2.72
N THR A 55 -8.83 -42.03 -2.97
CA THR A 55 -7.69 -42.02 -2.05
C THR A 55 -6.46 -41.45 -2.77
N ALA A 56 -5.49 -41.01 -1.97
CA ALA A 56 -4.21 -40.56 -2.50
C ALA A 56 -3.08 -40.97 -1.55
N GLU A 57 -1.86 -40.57 -1.89
CA GLU A 57 -0.67 -40.84 -1.08
C GLU A 57 0.11 -39.55 -0.89
N ARG A 58 0.55 -39.28 0.34
CA ARG A 58 1.32 -38.07 0.64
C ARG A 58 2.79 -38.37 0.92
N HIS A 59 3.08 -39.19 1.92
CA HIS A 59 4.46 -39.53 2.29
C HIS A 59 4.56 -41.02 2.62
N GLY A 60 3.99 -41.87 1.77
CA GLY A 60 3.77 -43.24 2.14
C GLY A 60 2.53 -43.45 2.98
N THR A 61 1.75 -42.39 3.18
CA THR A 61 0.55 -42.41 4.00
C THR A 61 -0.68 -42.25 3.13
N VAL A 62 -1.64 -43.16 3.28
CA VAL A 62 -2.85 -43.10 2.48
C VAL A 62 -3.73 -41.98 3.00
N VAL A 63 -4.23 -41.17 2.07
CA VAL A 63 -5.08 -40.03 2.36
C VAL A 63 -6.48 -40.41 1.89
N THR A 64 -7.44 -40.29 2.79
CA THR A 64 -8.81 -40.70 2.53
C THR A 64 -9.75 -39.58 2.96
N VAL A 65 -10.94 -39.58 2.36
CA VAL A 65 -11.99 -38.68 2.79
C VAL A 65 -12.51 -39.15 4.14
N LYS A 66 -12.46 -38.26 5.14
CA LYS A 66 -12.89 -38.60 6.50
C LYS A 66 -14.41 -38.74 6.59
N ARG A 67 -15.14 -37.78 6.05
CA ARG A 67 -16.59 -37.79 6.07
C ARG A 67 -17.09 -36.76 5.07
N VAL A 68 -18.40 -36.80 4.81
CA VAL A 68 -19.00 -35.96 3.77
C VAL A 68 -20.34 -35.42 4.26
N GLU A 69 -20.72 -34.27 3.71
CA GLU A 69 -22.00 -33.64 4.06
C GLU A 69 -22.55 -32.96 2.80
N LYS A 70 -23.79 -33.27 2.43
CA LYS A 70 -24.43 -32.57 1.33
C LYS A 70 -24.93 -31.22 1.82
N VAL A 71 -24.60 -30.17 1.09
CA VAL A 71 -24.95 -28.83 1.52
C VAL A 71 -25.54 -28.06 0.36
N GLN A 72 -26.46 -27.15 0.69
CA GLN A 72 -27.10 -26.26 -0.30
C GLN A 72 -26.53 -24.86 -0.09
N LYS A 73 -25.90 -24.29 -1.12
CA LYS A 73 -25.27 -22.95 -1.01
C LYS A 73 -25.66 -22.11 -2.24
N LYS A 74 -25.53 -20.78 -2.12
CA LYS A 74 -25.85 -19.88 -3.25
C LYS A 74 -24.54 -19.56 -3.99
N PHE A 75 -24.55 -19.67 -5.32
CA PHE A 75 -23.35 -19.38 -6.15
C PHE A 75 -23.73 -18.32 -7.19
N LEU A 76 -23.06 -17.17 -7.15
CA LEU A 76 -23.33 -16.06 -8.08
C LEU A 76 -24.82 -15.70 -8.14
N GLY A 77 -25.50 -15.75 -7.00
CA GLY A 77 -26.91 -15.44 -6.95
C GLY A 77 -27.84 -16.56 -7.39
N ARG A 78 -27.35 -17.80 -7.51
CA ARG A 78 -28.17 -18.91 -7.94
C ARG A 78 -27.93 -20.14 -7.06
N PRO A 79 -28.99 -20.86 -6.68
CA PRO A 79 -28.83 -21.98 -5.74
C PRO A 79 -28.07 -23.15 -6.37
N VAL A 80 -27.27 -23.82 -5.54
CA VAL A 80 -26.42 -24.93 -5.95
C VAL A 80 -26.31 -25.93 -4.79
N GLU A 81 -26.27 -27.20 -5.13
CA GLU A 81 -26.05 -28.28 -4.18
C GLU A 81 -24.65 -28.81 -4.43
N VAL A 82 -23.86 -28.94 -3.35
CA VAL A 82 -22.52 -29.49 -3.44
C VAL A 82 -22.31 -30.42 -2.26
N TRP A 83 -21.15 -31.07 -2.24
CA TRP A 83 -20.79 -32.00 -1.20
C TRP A 83 -19.51 -31.52 -0.51
N LYS A 84 -19.59 -31.34 0.80
CA LYS A 84 -18.46 -30.97 1.62
C LYS A 84 -17.70 -32.23 1.98
N LEU A 85 -16.45 -32.32 1.55
CA LEU A 85 -15.56 -33.44 1.86
C LEU A 85 -14.55 -32.99 2.92
N TYR A 86 -14.65 -33.56 4.11
CA TYR A 86 -13.73 -33.27 5.20
C TYR A 86 -12.53 -34.22 5.15
N PHE A 87 -11.42 -33.78 5.73
CA PHE A 87 -10.20 -34.56 5.79
C PHE A 87 -9.62 -34.45 7.20
N THR A 88 -8.62 -35.28 7.47
CA THR A 88 -7.98 -35.29 8.82
C THR A 88 -6.98 -34.14 8.98
N HIS A 89 -6.13 -33.91 7.98
CA HIS A 89 -5.08 -32.87 8.11
C HIS A 89 -5.14 -31.87 6.94
N PRO A 90 -4.66 -30.62 7.14
CA PRO A 90 -4.67 -29.58 6.10
C PRO A 90 -3.82 -30.00 4.89
N GLN A 91 -2.70 -30.69 5.15
CA GLN A 91 -1.75 -31.16 4.11
C GLN A 91 -2.37 -32.22 3.18
N ASP A 92 -3.39 -32.94 3.64
CA ASP A 92 -4.11 -33.96 2.84
C ASP A 92 -4.80 -33.33 1.61
N VAL A 93 -5.29 -32.09 1.70
CA VAL A 93 -6.04 -31.52 0.58
C VAL A 93 -5.20 -31.36 -0.67
N PRO A 94 -4.00 -30.75 -0.63
CA PRO A 94 -3.17 -30.72 -1.83
C PRO A 94 -2.91 -32.10 -2.44
N ALA A 95 -2.80 -33.15 -1.62
CA ALA A 95 -2.46 -34.47 -2.15
C ALA A 95 -3.62 -35.13 -2.88
N ILE A 96 -4.85 -34.86 -2.47
CA ILE A 96 -6.02 -35.59 -2.95
C ILE A 96 -6.94 -34.76 -3.84
N MET A 97 -6.80 -33.43 -3.83
CA MET A 97 -7.73 -32.57 -4.54
C MET A 97 -7.66 -32.79 -6.05
N ASP A 98 -6.47 -33.10 -6.56
CA ASP A 98 -6.33 -33.38 -7.98
C ASP A 98 -7.08 -34.64 -8.38
N LYS A 99 -6.99 -35.69 -7.57
CA LYS A 99 -7.70 -36.92 -7.92
C LYS A 99 -9.20 -36.74 -7.79
N ILE A 100 -9.66 -35.99 -6.78
CA ILE A 100 -11.10 -35.71 -6.68
C ILE A 100 -11.57 -34.92 -7.89
N ARG A 101 -10.77 -33.92 -8.28
CA ARG A 101 -11.12 -33.04 -9.43
C ARG A 101 -11.12 -33.81 -10.75
N GLU A 102 -10.25 -34.82 -10.90
CA GLU A 102 -10.16 -35.57 -12.14
C GLU A 102 -11.28 -36.57 -12.30
N HIS A 103 -11.94 -36.97 -11.21
CA HIS A 103 -12.94 -38.02 -11.27
C HIS A 103 -14.13 -37.58 -12.12
N PRO A 104 -14.70 -38.47 -12.94
CA PRO A 104 -15.60 -38.03 -14.04
C PRO A 104 -16.96 -37.51 -13.58
N ALA A 105 -17.44 -37.89 -12.41
CA ALA A 105 -18.72 -37.33 -11.97
C ALA A 105 -18.57 -36.02 -11.21
N VAL A 106 -17.35 -35.52 -11.04
CA VAL A 106 -17.05 -34.30 -10.29
C VAL A 106 -17.02 -33.15 -11.29
N ILE A 107 -18.05 -32.30 -11.28
CA ILE A 107 -18.08 -31.16 -12.18
C ILE A 107 -17.01 -30.14 -11.81
N ASP A 108 -16.82 -29.91 -10.52
CA ASP A 108 -15.74 -29.02 -10.10
C ASP A 108 -15.50 -29.17 -8.61
N ILE A 109 -14.39 -28.59 -8.14
CA ILE A 109 -14.10 -28.50 -6.71
C ILE A 109 -13.93 -27.02 -6.38
N TYR A 110 -14.06 -26.70 -5.08
CA TYR A 110 -14.05 -25.32 -4.60
C TYR A 110 -13.49 -25.23 -3.18
N GLU A 111 -12.93 -24.06 -2.85
CA GLU A 111 -12.53 -23.71 -1.48
C GLU A 111 -11.53 -24.72 -0.93
N TYR A 112 -10.55 -25.07 -1.77
CA TYR A 112 -9.57 -26.12 -1.49
C TYR A 112 -8.20 -25.56 -1.12
N ASP A 113 -7.98 -24.26 -1.27
CA ASP A 113 -6.65 -23.68 -1.01
C ASP A 113 -6.69 -22.60 0.07
N ILE A 114 -7.68 -22.62 0.96
CA ILE A 114 -7.73 -21.67 2.06
C ILE A 114 -6.83 -22.17 3.19
N PRO A 115 -5.85 -21.39 3.64
CA PRO A 115 -4.98 -21.90 4.70
C PRO A 115 -5.76 -22.13 5.98
N PHE A 116 -5.29 -23.12 6.73
CA PHE A 116 -6.09 -23.68 7.82
C PHE A 116 -6.44 -22.63 8.86
N ALA A 117 -5.47 -21.83 9.32
CA ALA A 117 -5.74 -20.90 10.44
C ALA A 117 -6.73 -19.81 10.04
N ILE A 118 -6.55 -19.24 8.85
CA ILE A 118 -7.50 -18.28 8.31
C ILE A 118 -8.89 -18.91 8.20
N ARG A 119 -8.96 -20.14 7.66
CA ARG A 119 -10.21 -20.89 7.51
C ARG A 119 -10.91 -21.03 8.84
N TYR A 120 -10.14 -21.38 9.88
CA TYR A 120 -10.68 -21.52 11.24
C TYR A 120 -11.27 -20.21 11.72
N LEU A 121 -10.56 -19.10 11.49
CA LEU A 121 -11.02 -17.80 11.97
C LEU A 121 -12.34 -17.41 11.30
N ILE A 122 -12.43 -17.62 9.99
CA ILE A 122 -13.65 -17.37 9.24
C ILE A 122 -14.79 -18.24 9.77
N ASP A 123 -14.61 -19.57 9.73
CA ASP A 123 -15.72 -20.48 10.02
C ASP A 123 -16.18 -20.39 11.45
N LYS A 124 -15.31 -19.99 12.38
CA LYS A 124 -15.76 -19.81 13.75
C LYS A 124 -16.33 -18.42 14.00
N GLY A 125 -16.19 -17.52 13.02
CA GLY A 125 -16.63 -16.15 13.22
C GLY A 125 -15.78 -15.35 14.19
N LEU A 126 -14.56 -15.80 14.46
CA LEU A 126 -13.66 -15.13 15.39
C LEU A 126 -12.98 -13.96 14.70
N VAL A 127 -12.88 -12.84 15.41
CA VAL A 127 -12.40 -11.59 14.87
C VAL A 127 -11.19 -11.15 15.69
N PRO A 128 -10.03 -10.98 15.10
CA PRO A 128 -8.88 -10.45 15.85
C PRO A 128 -9.02 -8.97 16.17
N MET A 129 -8.34 -8.56 17.24
CA MET A 129 -8.16 -7.15 17.59
C MET A 129 -9.49 -6.48 17.95
N GLU A 130 -10.27 -7.17 18.78
CA GLU A 130 -11.57 -6.66 19.22
C GLU A 130 -11.51 -6.35 20.71
N GLY A 131 -12.06 -5.22 21.09
CA GLY A 131 -12.16 -4.86 22.48
C GLY A 131 -11.17 -3.78 22.86
N ASP A 132 -11.11 -3.51 24.17
CA ASP A 132 -10.31 -2.43 24.72
C ASP A 132 -9.07 -2.93 25.43
N GLU A 133 -8.65 -4.17 25.16
CA GLU A 133 -7.42 -4.69 25.81
C GLU A 133 -6.23 -3.83 25.40
N GLU A 134 -5.35 -3.50 26.35
CA GLU A 134 -4.15 -2.68 26.05
C GLU A 134 -3.00 -3.62 25.70
N LEU A 135 -2.21 -3.26 24.68
CA LEU A 135 -1.10 -4.14 24.24
C LEU A 135 0.25 -3.45 24.46
N LYS A 136 1.14 -4.07 25.25
CA LYS A 136 2.46 -3.51 25.42
C LYS A 136 3.27 -3.55 24.12
N LEU A 137 3.96 -2.45 23.83
CA LEU A 137 4.76 -2.26 22.62
C LEU A 137 6.25 -2.24 22.92
N LEU A 138 7.05 -2.74 21.98
CA LEU A 138 8.50 -2.69 22.08
C LEU A 138 9.10 -2.58 20.68
N ALA A 139 9.98 -1.60 20.48
CA ALA A 139 10.65 -1.38 19.21
C ALA A 139 12.13 -1.70 19.34
N PHE A 140 12.72 -2.26 18.28
CA PHE A 140 14.16 -2.53 18.33
C PHE A 140 14.80 -2.35 16.97
N ASP A 141 16.13 -2.20 17.01
CA ASP A 141 16.98 -1.98 15.84
C ASP A 141 18.34 -2.61 16.10
N ILE A 142 19.12 -2.80 15.04
CA ILE A 142 20.46 -3.35 15.16
C ILE A 142 21.39 -2.56 14.24
N GLU A 143 22.65 -2.39 14.66
CA GLU A 143 23.68 -1.75 13.85
C GLU A 143 24.88 -2.68 13.74
N THR A 144 25.17 -3.06 12.49
CA THR A 144 26.26 -4.00 12.15
C THR A 144 27.45 -3.22 11.58
N LEU A 145 28.51 -3.94 11.19
CA LEU A 145 29.74 -3.33 10.62
C LEU A 145 29.93 -3.82 9.17
N TYR A 146 30.03 -2.89 8.21
CA TYR A 146 30.21 -3.31 6.79
C TYR A 146 31.70 -3.27 6.43
N GLU A 151 30.14 -11.64 2.37
CA GLU A 151 28.75 -12.05 2.25
C GLU A 151 27.97 -11.81 3.54
N PHE A 152 26.64 -11.90 3.45
CA PHE A 152 25.73 -11.34 4.44
C PHE A 152 25.99 -11.89 5.83
N ALA A 153 26.05 -10.98 6.82
CA ALA A 153 26.24 -11.26 8.25
C ALA A 153 27.64 -11.79 8.59
N GLU A 154 28.62 -11.57 7.71
CA GLU A 154 29.98 -11.96 8.04
C GLU A 154 30.54 -11.10 9.17
N GLY A 155 30.18 -9.82 9.19
CA GLY A 155 30.55 -8.94 10.27
C GLY A 155 29.57 -9.08 11.41
N PRO A 156 30.04 -8.80 12.62
CA PRO A 156 29.15 -8.79 13.79
C PRO A 156 28.34 -7.51 13.87
N ILE A 157 27.23 -7.62 14.61
CA ILE A 157 26.39 -6.47 14.92
C ILE A 157 26.95 -5.77 16.14
N LEU A 158 27.15 -4.46 16.01
CA LEU A 158 27.83 -3.71 17.05
C LEU A 158 26.89 -3.39 18.19
N MET A 159 25.67 -2.95 17.88
CA MET A 159 24.73 -2.71 18.98
C MET A 159 23.31 -3.07 18.58
N ILE A 160 22.47 -3.14 19.61
CA ILE A 160 21.03 -3.37 19.49
C ILE A 160 20.32 -2.36 20.37
N SER A 161 19.34 -1.64 19.80
N SER A 161 19.31 -1.72 19.75
CA SER A 161 18.70 -0.50 20.45
CA SER A 161 18.68 -0.59 20.40
C SER A 161 17.20 -0.71 20.54
C SER A 161 17.18 -0.80 20.49
N TYR A 162 16.63 -0.54 21.73
CA TYR A 162 15.20 -0.77 21.92
C TYR A 162 14.52 0.43 22.60
N ALA A 163 13.28 0.67 22.22
CA ALA A 163 12.54 1.81 22.72
C ALA A 163 11.10 1.43 23.03
N ASP A 164 10.62 1.98 24.13
CA ASP A 164 9.25 1.79 24.55
C ASP A 164 8.77 3.08 25.21
N GLU A 165 7.54 3.03 25.72
CA GLU A 165 6.91 4.20 26.33
C GLU A 165 7.82 4.88 27.36
N GLU A 166 8.57 4.09 28.15
CA GLU A 166 9.39 4.68 29.22
C GLU A 166 10.73 5.20 28.72
N GLY A 167 11.17 4.81 27.54
CA GLY A 167 12.44 5.32 27.04
C GLY A 167 13.12 4.33 26.12
N ALA A 168 14.30 4.74 25.67
CA ALA A 168 15.12 4.01 24.72
C ALA A 168 16.49 3.71 25.31
N ARG A 169 16.96 2.47 25.13
CA ARG A 169 18.26 2.04 25.59
C ARG A 169 19.04 1.41 24.44
N VAL A 170 20.36 1.29 24.63
CA VAL A 170 21.25 0.71 23.64
C VAL A 170 22.16 -0.29 24.33
N ILE A 171 22.17 -1.52 23.83
CA ILE A 171 22.98 -2.63 24.43
C ILE A 171 24.01 -2.97 23.35
N THR A 172 25.24 -2.48 23.55
CA THR A 172 26.34 -2.65 22.55
C THR A 172 27.55 -3.31 23.18
N TRP A 173 28.41 -3.89 22.33
CA TRP A 173 29.69 -4.46 22.84
C TRP A 173 30.89 -3.54 22.56
N ASP A 177 29.17 4.47 28.93
CA ASP A 177 29.49 5.65 29.74
C ASP A 177 28.27 6.56 29.91
N LEU A 178 27.07 5.97 30.04
CA LEU A 178 25.86 6.76 29.86
C LEU A 178 24.69 6.11 30.59
N PRO A 179 23.78 6.90 31.18
CA PRO A 179 22.60 6.31 31.84
C PRO A 179 21.85 5.26 31.07
N TYR A 180 21.53 5.47 29.79
CA TYR A 180 20.72 4.45 29.11
C TYR A 180 21.58 3.34 28.47
N VAL A 181 22.75 3.69 27.91
CA VAL A 181 23.57 2.73 27.18
C VAL A 181 24.22 1.73 28.14
N ASP A 182 24.20 0.47 27.75
CA ASP A 182 24.91 -0.60 28.45
C ASP A 182 26.00 -1.15 27.54
N VAL A 183 27.26 -1.11 27.99
CA VAL A 183 28.37 -1.63 27.20
C VAL A 183 28.74 -3.00 27.74
N VAL A 184 28.83 -3.97 26.82
CA VAL A 184 29.12 -5.40 27.14
C VAL A 184 30.47 -5.83 26.56
N SER A 185 30.99 -6.93 27.09
CA SER A 185 32.30 -7.52 26.68
C SER A 185 32.30 -8.00 25.22
N THR A 186 31.23 -8.68 24.79
CA THR A 186 31.22 -9.26 23.41
C THR A 186 29.84 -9.18 22.75
N GLU A 187 29.81 -9.50 21.46
CA GLU A 187 28.59 -9.53 20.60
C GLU A 187 27.63 -10.59 21.14
N ARG A 188 28.18 -11.72 21.59
CA ARG A 188 27.35 -12.82 22.16
C ARG A 188 26.64 -12.29 23.41
N GLU A 189 27.37 -11.54 24.24
N GLU A 189 27.37 -11.55 24.24
CA GLU A 189 26.80 -10.97 25.48
CA GLU A 189 26.82 -10.97 25.48
C GLU A 189 25.73 -9.95 25.12
C GLU A 189 25.73 -9.95 25.12
N MET A 190 25.98 -9.13 24.09
CA MET A 190 25.01 -8.09 23.66
C MET A 190 23.70 -8.74 23.18
N ILE A 191 23.78 -9.77 22.34
CA ILE A 191 22.55 -10.44 21.84
C ILE A 191 21.82 -11.11 23.00
N LYS A 192 22.58 -11.75 23.90
CA LYS A 192 21.96 -12.45 25.06
C LYS A 192 21.25 -11.40 25.93
N ARG A 193 21.88 -10.24 26.12
CA ARG A 193 21.29 -9.16 26.94
C ARG A 193 20.00 -8.68 26.29
N PHE A 194 20.02 -8.47 24.97
CA PHE A 194 18.83 -7.98 24.23
C PHE A 194 17.68 -8.99 24.40
N LEU A 195 18.00 -10.28 24.31
CA LEU A 195 16.97 -11.34 24.47
C LEU A 195 16.40 -11.29 25.89
N ARG A 196 17.28 -11.10 26.88
CA ARG A 196 16.83 -11.04 28.29
C ARG A 196 15.88 -9.85 28.45
N VAL A 197 16.23 -8.73 27.81
CA VAL A 197 15.43 -7.48 27.87
C VAL A 197 14.04 -7.77 27.30
N VAL A 198 13.98 -8.43 26.14
CA VAL A 198 12.67 -8.69 25.48
C VAL A 198 11.85 -9.65 26.35
N LYS A 199 12.51 -10.67 26.91
CA LYS A 199 11.78 -11.67 27.73
C LYS A 199 11.20 -11.01 28.99
N GLU A 200 11.98 -10.11 29.60
CA GLU A 200 11.58 -9.45 30.87
C GLU A 200 10.37 -8.54 30.67
N LYS A 201 10.40 -7.71 29.63
CA LYS A 201 9.30 -6.76 29.40
C LYS A 201 8.07 -7.42 28.79
N ASP A 202 8.22 -8.56 28.11
CA ASP A 202 7.10 -9.36 27.62
C ASP A 202 6.09 -8.57 26.78
N PRO A 203 6.52 -8.00 25.67
CA PRO A 203 5.62 -7.16 24.87
C PRO A 203 4.83 -7.95 23.85
N ASP A 204 3.62 -7.47 23.59
CA ASP A 204 2.77 -8.14 22.60
C ASP A 204 3.18 -7.79 21.20
N VAL A 205 3.54 -6.53 20.96
CA VAL A 205 3.84 -6.06 19.63
C VAL A 205 5.32 -5.76 19.57
N LEU A 206 6.00 -6.40 18.63
CA LEU A 206 7.40 -6.13 18.41
C LEU A 206 7.50 -5.28 17.15
N ILE A 207 8.05 -4.08 17.27
CA ILE A 207 8.06 -3.13 16.17
C ILE A 207 9.46 -3.09 15.60
N THR A 208 9.56 -3.16 14.28
CA THR A 208 10.82 -3.02 13.58
C THR A 208 10.63 -2.12 12.37
N TYR A 209 11.74 -1.75 11.75
CA TYR A 209 11.71 -1.13 10.43
C TYR A 209 12.57 -1.97 9.52
N ASP A 210 11.92 -2.60 8.53
CA ASP A 210 12.54 -3.60 7.68
C ASP A 210 13.11 -4.74 8.49
N GLY A 211 12.43 -5.09 9.59
CA GLY A 211 12.83 -6.29 10.33
C GLY A 211 12.51 -7.57 9.59
N ASP A 212 11.51 -7.56 8.71
CA ASP A 212 11.15 -8.78 7.98
C ASP A 212 12.28 -9.25 7.08
N ASN A 213 13.14 -8.35 6.62
CA ASN A 213 14.15 -8.73 5.66
C ASN A 213 15.57 -8.34 6.04
N PHE A 214 15.78 -7.59 7.12
CA PHE A 214 17.14 -7.34 7.60
C PHE A 214 17.40 -7.83 9.01
N ASP A 215 16.64 -7.37 10.02
CA ASP A 215 17.13 -7.50 11.40
C ASP A 215 17.04 -8.94 11.89
N PHE A 216 15.95 -9.63 11.59
CA PHE A 216 15.79 -10.99 12.06
C PHE A 216 16.71 -11.96 11.32
N ALA A 217 16.91 -11.76 10.02
CA ALA A 217 17.82 -12.60 9.25
C ALA A 217 19.25 -12.50 9.78
N TYR A 218 19.74 -11.27 9.92
CA TYR A 218 21.06 -11.04 10.51
C TYR A 218 21.16 -11.68 11.88
N LEU A 219 20.12 -11.51 12.72
CA LEU A 219 20.22 -12.06 14.06
C LEU A 219 20.29 -13.58 14.04
N LYS A 220 19.51 -14.23 13.17
CA LYS A 220 19.57 -15.69 13.11
C LYS A 220 20.95 -16.14 12.65
N LYS A 221 21.52 -15.46 11.67
CA LYS A 221 22.86 -15.84 11.20
C LYS A 221 23.88 -15.73 12.32
N ARG A 222 23.85 -14.60 13.06
CA ARG A 222 24.84 -14.42 14.13
C ARG A 222 24.62 -15.40 15.28
N CYS A 223 23.36 -15.70 15.63
CA CYS A 223 23.09 -16.74 16.63
C CYS A 223 23.59 -18.12 16.18
N GLU A 224 23.42 -18.47 14.91
CA GLU A 224 23.92 -19.77 14.47
C GLU A 224 25.43 -19.81 14.56
N LYS A 225 26.08 -18.72 14.17
CA LYS A 225 27.53 -18.65 14.23
C LYS A 225 28.03 -18.74 15.66
N LEU A 226 27.25 -18.24 16.61
CA LEU A 226 27.62 -18.23 18.02
C LEU A 226 26.83 -19.25 18.83
N GLY A 227 26.04 -20.09 18.17
CA GLY A 227 25.29 -21.13 18.84
C GLY A 227 24.36 -20.62 19.91
N ILE A 228 23.54 -19.64 19.57
CA ILE A 228 22.61 -19.02 20.49
C ILE A 228 21.20 -19.45 20.11
N ASN A 229 20.41 -19.83 21.11
CA ASN A 229 19.00 -20.13 20.90
C ASN A 229 18.22 -18.84 21.12
N PHE A 230 17.80 -18.21 20.02
CA PHE A 230 17.13 -16.90 20.04
C PHE A 230 15.61 -17.10 20.16
N ALA A 231 15.19 -17.45 21.39
CA ALA A 231 13.81 -17.86 21.67
C ALA A 231 12.90 -16.66 22.00
N LEU A 232 12.81 -15.72 21.05
CA LEU A 232 12.01 -14.53 21.30
C LEU A 232 10.52 -14.81 21.44
N GLY A 233 10.06 -16.01 21.06
CA GLY A 233 8.65 -16.33 21.14
C GLY A 233 8.20 -16.69 22.55
N ARG A 234 6.90 -16.50 22.77
CA ARG A 234 6.29 -16.80 24.07
C ARG A 234 6.10 -18.29 24.33
N ASP A 235 6.31 -19.13 23.32
CA ASP A 235 6.31 -20.57 23.49
C ASP A 235 7.72 -21.15 23.49
N GLY A 236 8.75 -20.32 23.71
CA GLY A 236 10.13 -20.74 23.57
C GLY A 236 10.66 -20.80 22.16
N SER A 237 9.84 -20.51 21.16
CA SER A 237 10.24 -20.62 19.76
C SER A 237 11.22 -19.53 19.34
N GLU A 238 11.98 -19.85 18.30
CA GLU A 238 12.76 -18.88 17.55
C GLU A 238 11.86 -18.20 16.52
N PRO A 239 12.25 -17.01 16.04
CA PRO A 239 11.46 -16.36 14.98
C PRO A 239 11.31 -17.29 13.78
N LYS A 240 10.07 -17.36 13.28
CA LYS A 240 9.72 -18.23 12.16
C LYS A 240 9.81 -17.41 10.87
N ILE A 241 10.84 -17.68 10.08
CA ILE A 241 10.96 -17.09 8.76
C ILE A 241 9.87 -17.64 7.85
N GLN A 242 9.37 -16.79 6.96
CA GLN A 242 8.35 -17.14 6.00
C GLN A 242 8.72 -16.47 4.68
N ARG A 243 8.42 -17.14 3.58
CA ARG A 243 8.70 -16.58 2.26
C ARG A 243 7.43 -15.92 1.76
N MET A 244 7.53 -14.65 1.37
CA MET A 244 6.41 -13.92 0.78
C MET A 244 6.91 -13.26 -0.49
N GLY A 245 6.38 -13.68 -1.64
CA GLY A 245 6.84 -13.13 -2.90
C GLY A 245 8.32 -13.40 -3.08
N ASP A 246 9.02 -12.41 -3.63
CA ASP A 246 10.47 -12.50 -3.76
C ASP A 246 11.19 -12.12 -2.49
N ARG A 247 10.46 -11.81 -1.41
CA ARG A 247 11.00 -11.37 -0.14
C ARG A 247 10.59 -12.35 0.96
N PHE A 248 10.84 -11.95 2.20
CA PHE A 248 10.52 -12.75 3.36
C PHE A 248 9.78 -11.92 4.40
N ALA A 249 9.08 -12.61 5.28
CA ALA A 249 8.41 -12.02 6.44
C ALA A 249 8.80 -12.85 7.66
N VAL A 250 8.81 -12.24 8.84
CA VAL A 250 9.23 -12.97 10.03
C VAL A 250 8.15 -12.88 11.10
N GLU A 251 7.88 -14.02 11.75
CA GLU A 251 6.81 -14.10 12.71
C GLU A 251 7.40 -14.47 14.06
N VAL A 252 6.76 -14.02 15.14
CA VAL A 252 7.21 -14.32 16.50
C VAL A 252 6.02 -14.83 17.30
N LYS A 253 6.00 -16.12 17.58
CA LYS A 253 4.79 -16.78 18.06
C LYS A 253 4.39 -16.27 19.43
N GLY A 254 3.09 -15.98 19.59
CA GLY A 254 2.57 -15.41 20.81
C GLY A 254 2.66 -13.90 20.89
N ARG A 255 3.25 -13.28 19.88
CA ARG A 255 3.36 -11.85 19.79
C ARG A 255 2.94 -11.46 18.38
N ILE A 256 2.89 -10.16 18.13
CA ILE A 256 2.68 -9.67 16.79
C ILE A 256 3.94 -8.92 16.40
N HIS A 257 4.71 -9.44 15.44
CA HIS A 257 5.84 -8.69 14.92
C HIS A 257 5.33 -7.70 13.89
N PHE A 258 5.33 -6.43 14.26
CA PHE A 258 4.83 -5.37 13.38
C PHE A 258 6.02 -4.77 12.66
N ASP A 259 6.30 -5.26 11.45
CA ASP A 259 7.26 -4.57 10.60
C ASP A 259 6.56 -3.38 9.97
N LEU A 260 7.17 -2.20 10.05
CA LEU A 260 6.53 -0.95 9.55
C LEU A 260 6.86 -0.70 8.07
N TYR A 261 7.94 -1.28 7.54
CA TYR A 261 8.34 -0.94 6.16
C TYR A 261 7.25 -1.31 5.15
N PRO A 262 6.62 -2.49 5.20
CA PRO A 262 5.59 -2.85 4.23
C PRO A 262 4.38 -1.90 4.38
N VAL A 263 3.99 -1.60 5.62
CA VAL A 263 2.84 -0.69 5.88
C VAL A 263 3.16 0.69 5.34
N ILE A 264 4.33 1.24 5.72
CA ILE A 264 4.77 2.61 5.33
C ILE A 264 4.87 2.73 3.81
N ARG A 265 5.31 1.66 3.13
CA ARG A 265 5.42 1.65 1.65
C ARG A 265 4.01 1.82 1.05
N ARG A 266 3.01 1.18 1.66
CA ARG A 266 1.61 1.23 1.19
C ARG A 266 0.92 2.54 1.60
N THR A 267 1.39 3.26 2.61
CA THR A 267 0.63 4.47 2.95
C THR A 267 1.09 5.71 2.18
N ILE A 268 2.40 5.94 2.08
CA ILE A 268 2.95 7.16 1.50
C ILE A 268 3.69 6.81 0.22
N ASN A 269 4.05 7.84 -0.55
CA ASN A 269 4.85 7.65 -1.76
C ASN A 269 6.08 8.55 -1.73
N LEU A 270 6.80 8.53 -0.61
CA LEU A 270 8.06 9.24 -0.51
C LEU A 270 9.05 8.66 -1.52
N PRO A 271 9.93 9.48 -2.08
CA PRO A 271 11.00 8.92 -2.93
C PRO A 271 11.99 8.10 -2.14
N THR A 272 12.40 8.58 -0.97
CA THR A 272 13.31 7.87 -0.08
C THR A 272 12.51 7.19 1.02
N TYR A 273 12.91 5.96 1.35
CA TYR A 273 12.18 5.18 2.36
C TYR A 273 13.06 4.75 3.52
N THR A 274 14.11 5.49 3.81
CA THR A 274 14.84 5.18 5.03
C THR A 274 14.16 5.83 6.23
N LEU A 275 14.45 5.28 7.41
CA LEU A 275 13.71 5.62 8.62
C LEU A 275 13.67 7.14 8.89
N GLU A 276 14.79 7.83 8.72
CA GLU A 276 14.78 9.27 8.98
C GLU A 276 13.82 9.98 8.03
N ALA A 277 13.80 9.53 6.77
CA ALA A 277 12.93 10.14 5.75
C ALA A 277 11.46 10.01 6.15
N VAL A 278 11.02 8.79 6.45
CA VAL A 278 9.60 8.55 6.85
C VAL A 278 9.28 9.30 8.16
N TYR A 279 10.23 9.31 9.11
CA TYR A 279 9.98 10.00 10.40
C TYR A 279 9.74 11.49 10.15
N GLU A 280 10.56 12.12 9.29
CA GLU A 280 10.32 13.54 9.05
C GLU A 280 9.06 13.76 8.24
N ALA A 281 8.67 12.81 7.39
CA ALA A 281 7.37 12.94 6.72
C ALA A 281 6.23 12.89 7.71
N VAL A 282 6.32 12.01 8.71
CA VAL A 282 5.18 11.76 9.56
C VAL A 282 5.09 12.79 10.69
N PHE A 283 6.23 13.13 11.30
CA PHE A 283 6.23 14.02 12.45
C PHE A 283 6.80 15.41 12.17
N GLY A 284 7.57 15.59 11.11
CA GLY A 284 8.12 16.89 10.79
C GLY A 284 9.33 17.29 11.61
N GLN A 285 9.97 16.34 12.28
CA GLN A 285 11.11 16.55 13.14
C GLN A 285 12.33 15.81 12.59
N PRO A 286 13.52 16.39 12.68
CA PRO A 286 14.72 15.72 12.14
C PRO A 286 15.17 14.55 13.02
N LYS A 287 15.79 13.56 12.37
CA LYS A 287 16.35 12.39 13.05
C LYS A 287 17.83 12.25 12.69
N GLU A 288 18.69 12.08 13.70
CA GLU A 288 20.14 11.92 13.45
C GLU A 288 20.38 10.68 12.58
N LYS A 289 21.31 10.76 11.63
CA LYS A 289 21.60 9.63 10.72
C LYS A 289 23.04 9.13 10.93
N VAL A 290 23.21 7.83 11.20
CA VAL A 290 24.56 7.23 11.40
C VAL A 290 24.76 6.11 10.38
N TYR A 291 25.86 6.14 9.63
CA TYR A 291 26.15 5.08 8.63
C TYR A 291 26.79 3.90 9.36
N ALA A 292 26.62 2.68 8.85
CA ALA A 292 27.17 1.47 9.51
C ALA A 292 28.69 1.52 9.56
N GLU A 293 29.33 2.02 8.49
CA GLU A 293 30.82 2.06 8.43
C GLU A 293 31.36 2.93 9.56
N GLU A 294 30.71 4.06 9.84
CA GLU A 294 31.17 4.97 10.92
C GLU A 294 31.09 4.24 12.27
N ILE A 295 30.03 3.47 12.48
CA ILE A 295 29.83 2.72 13.76
C ILE A 295 30.95 1.69 13.95
N THR A 296 31.38 1.01 12.88
CA THR A 296 32.40 -0.06 12.97
C THR A 296 33.74 0.50 13.49
N THR A 297 34.13 1.69 13.04
CA THR A 297 35.42 2.30 13.43
C THR A 297 35.49 2.55 14.94
N ALA A 298 34.35 2.93 15.56
CA ALA A 298 34.34 3.27 16.99
C ALA A 298 34.82 2.10 17.85
N TRP A 299 34.45 0.87 17.52
CA TRP A 299 34.84 -0.30 18.34
C TRP A 299 36.36 -0.36 18.54
N GLU A 300 37.13 -0.36 17.45
CA GLU A 300 38.61 -0.41 17.59
C GLU A 300 39.14 0.86 18.28
N THR A 301 38.68 2.04 17.83
CA THR A 301 39.12 3.34 18.39
C THR A 301 38.59 3.56 19.82
N GLY A 302 37.32 3.21 20.06
CA GLY A 302 36.65 3.38 21.36
C GLY A 302 35.96 4.74 21.47
N GLU A 303 36.28 5.63 20.52
CA GLU A 303 35.75 7.02 20.48
C GLU A 303 34.48 7.09 19.62
N ASN A 304 33.68 8.13 19.85
CA ASN A 304 32.40 8.39 19.12
C ASN A 304 31.42 7.24 19.33
N LEU A 305 31.64 6.46 20.39
CA LEU A 305 30.75 5.31 20.72
C LEU A 305 29.36 5.87 21.02
N GLU A 306 29.31 6.95 21.81
CA GLU A 306 28.03 7.57 22.26
C GLU A 306 27.29 8.16 21.06
N ARG A 307 28.00 8.80 20.13
CA ARG A 307 27.35 9.40 18.94
C ARG A 307 26.52 8.31 18.25
N VAL A 308 27.19 7.22 17.89
CA VAL A 308 26.50 6.11 17.15
C VAL A 308 25.42 5.53 18.08
N ALA A 309 25.75 5.36 19.37
CA ALA A 309 24.76 4.82 20.33
C ALA A 309 23.59 5.79 20.44
N ARG A 310 23.79 7.05 20.06
CA ARG A 310 22.69 8.04 20.11
C ARG A 310 21.94 8.00 18.78
N TYR A 311 22.65 7.68 17.69
CA TYR A 311 22.03 7.55 16.34
C TYR A 311 21.19 6.28 16.29
N SER A 312 21.56 5.27 17.11
CA SER A 312 20.81 4.03 17.20
C SER A 312 19.70 4.12 18.23
N MET A 313 19.99 4.75 19.38
CA MET A 313 18.95 5.05 20.37
C MET A 313 17.78 5.80 19.75
N GLU A 314 18.09 6.79 18.91
CA GLU A 314 17.05 7.58 18.27
C GLU A 314 16.32 6.77 17.20
N ASP A 315 17.00 5.83 16.55
CA ASP A 315 16.28 4.96 15.61
C ASP A 315 15.28 4.07 16.32
N ALA A 316 15.68 3.49 17.46
CA ALA A 316 14.72 2.76 18.28
C ALA A 316 13.53 3.63 18.64
N LYS A 317 13.79 4.87 19.08
CA LYS A 317 12.71 5.76 19.53
C LYS A 317 11.75 6.10 18.39
N VAL A 318 12.28 6.47 17.22
CA VAL A 318 11.41 6.85 16.12
C VAL A 318 10.64 5.64 15.61
N THR A 319 11.26 4.46 15.66
CA THR A 319 10.53 3.24 15.33
C THR A 319 9.36 3.03 16.29
N TYR A 320 9.57 3.29 17.58
CA TYR A 320 8.47 3.16 18.52
C TYR A 320 7.36 4.18 18.24
N GLU A 321 7.74 5.39 17.88
CA GLU A 321 6.78 6.47 17.72
C GLU A 321 5.93 6.26 16.47
N LEU A 322 6.57 5.83 15.40
CA LEU A 322 5.86 5.50 14.17
C LEU A 322 4.93 4.32 14.39
N GLY A 323 5.31 3.43 15.30
CA GLY A 323 4.52 2.26 15.61
C GLY A 323 3.31 2.58 16.45
N LYS A 324 3.42 3.61 17.27
CA LYS A 324 2.32 4.06 18.10
C LYS A 324 1.27 4.73 17.22
N GLU A 325 1.74 5.38 16.17
CA GLU A 325 0.86 6.13 15.29
C GLU A 325 0.24 5.27 14.19
N PHE A 326 0.90 4.17 13.84
CA PHE A 326 0.44 3.33 12.75
C PHE A 326 -0.29 2.07 13.18
N LEU A 327 -0.13 1.67 14.43
CA LEU A 327 -0.72 0.43 14.89
C LEU A 327 -2.23 0.51 15.00
N PRO A 328 -2.75 1.74 15.44
CA PRO A 328 -4.22 1.74 15.55
C PRO A 328 -4.93 1.59 14.22
N MET A 329 -4.41 2.19 13.15
CA MET A 329 -5.01 2.00 11.83
C MET A 329 -4.91 0.55 11.38
N GLU A 330 -3.77 -0.08 11.58
CA GLU A 330 -3.68 -1.47 11.16
C GLU A 330 -4.56 -2.34 12.04
N ALA A 331 -4.64 -2.06 13.34
CA ALA A 331 -5.53 -2.84 14.18
C ALA A 331 -6.97 -2.72 13.71
N GLN A 332 -7.35 -1.54 13.25
CA GLN A 332 -8.70 -1.30 12.76
C GLN A 332 -8.96 -2.07 11.48
N LEU A 333 -8.00 -2.02 10.54
CA LEU A 333 -8.10 -2.83 9.35
C LEU A 333 -8.18 -4.31 9.69
N SER A 334 -7.41 -4.77 10.68
CA SER A 334 -7.47 -6.16 11.07
C SER A 334 -8.86 -6.52 11.54
N ARG A 335 -9.42 -5.70 12.44
CA ARG A 335 -10.80 -5.86 12.90
C ARG A 335 -11.76 -5.91 11.73
N LEU A 336 -11.52 -5.11 10.71
CA LEU A 336 -12.52 -4.94 9.65
C LEU A 336 -12.42 -6.05 8.61
N ILE A 337 -11.21 -6.54 8.32
CA ILE A 337 -11.00 -7.63 7.38
C ILE A 337 -11.24 -8.98 8.05
N GLY A 338 -11.09 -9.09 9.36
CA GLY A 338 -11.31 -10.34 10.06
C GLY A 338 -10.11 -11.28 10.09
N GLN A 339 -8.92 -10.79 9.84
CA GLN A 339 -7.71 -11.60 9.96
C GLN A 339 -6.73 -10.92 10.92
N SER A 340 -5.66 -11.63 11.24
CA SER A 340 -4.68 -11.16 12.20
C SER A 340 -3.92 -9.95 11.69
N LEU A 341 -3.32 -9.23 12.65
CA LEU A 341 -2.62 -8.01 12.30
C LEU A 341 -1.36 -8.33 11.50
N TRP A 342 -0.62 -9.37 11.93
CA TRP A 342 0.57 -9.80 11.20
C TRP A 342 0.26 -9.97 9.73
N ASP A 343 -0.85 -10.66 9.42
CA ASP A 343 -1.24 -10.92 8.04
C ASP A 343 -1.66 -9.66 7.32
N VAL A 344 -2.61 -8.92 7.91
CA VAL A 344 -3.16 -7.76 7.25
C VAL A 344 -2.08 -6.72 6.99
N SER A 345 -1.19 -6.51 7.97
CA SER A 345 -0.18 -5.48 7.83
C SER A 345 0.83 -5.81 6.75
N ARG A 346 0.92 -7.08 6.36
CA ARG A 346 1.85 -7.47 5.32
C ARG A 346 1.18 -7.75 4.00
N SER A 347 -0.14 -7.82 3.97
CA SER A 347 -0.87 -8.27 2.79
C SER A 347 -1.18 -7.12 1.85
N SER A 348 -1.46 -7.47 0.60
CA SER A 348 -1.88 -6.49 -0.39
C SER A 348 -3.40 -6.29 -0.35
N THR A 349 -3.84 -5.18 -0.95
CA THR A 349 -5.25 -4.80 -0.89
C THR A 349 -6.14 -5.79 -1.61
N GLY A 350 -5.67 -6.37 -2.73
CA GLY A 350 -6.41 -7.46 -3.34
C GLY A 350 -6.71 -8.58 -2.36
N ASN A 351 -5.66 -9.10 -1.70
CA ASN A 351 -5.85 -10.19 -0.75
C ASN A 351 -6.71 -9.75 0.42
N LEU A 352 -6.56 -8.48 0.85
CA LEU A 352 -7.40 -7.95 1.93
C LEU A 352 -8.87 -8.04 1.58
N VAL A 353 -9.23 -7.60 0.37
CA VAL A 353 -10.61 -7.70 -0.08
C VAL A 353 -11.04 -9.17 -0.16
N GLU A 354 -10.14 -10.05 -0.62
CA GLU A 354 -10.49 -11.46 -0.71
C GLU A 354 -10.83 -12.04 0.66
N TRP A 355 -10.00 -11.78 1.65
CA TRP A 355 -10.27 -12.26 2.99
C TRP A 355 -11.61 -11.73 3.51
N PHE A 356 -11.86 -10.43 3.27
CA PHE A 356 -13.12 -9.81 3.69
C PHE A 356 -14.30 -10.52 3.04
N LEU A 357 -14.24 -10.69 1.71
CA LEU A 357 -15.32 -11.30 0.95
C LEU A 357 -15.52 -12.76 1.32
N LEU A 358 -14.44 -13.51 1.55
CA LEU A 358 -14.56 -14.91 1.94
C LEU A 358 -15.27 -15.04 3.27
N ARG A 359 -14.95 -14.15 4.22
CA ARG A 359 -15.71 -14.16 5.47
C ARG A 359 -17.18 -13.81 5.21
N LYS A 360 -17.44 -12.73 4.44
CA LYS A 360 -18.83 -12.37 4.16
C LYS A 360 -19.58 -13.53 3.51
N ALA A 361 -18.91 -14.18 2.55
CA ALA A 361 -19.47 -15.32 1.81
C ALA A 361 -19.84 -16.45 2.75
N TYR A 362 -18.92 -16.85 3.62
CA TYR A 362 -19.24 -17.86 4.62
C TYR A 362 -20.38 -17.42 5.53
N GLU A 363 -20.50 -16.11 5.78
CA GLU A 363 -21.61 -15.63 6.60
C GLU A 363 -22.93 -15.76 5.87
N ARG A 364 -22.94 -15.49 4.56
CA ARG A 364 -24.15 -15.48 3.76
C ARG A 364 -24.35 -16.78 2.97
N ASN A 365 -23.63 -17.83 3.32
CA ASN A 365 -23.75 -19.14 2.66
C ASN A 365 -23.59 -19.03 1.15
N GLU A 366 -22.68 -18.17 0.71
CA GLU A 366 -22.31 -18.07 -0.71
C GLU A 366 -21.05 -18.89 -0.97
N LEU A 367 -21.07 -19.66 -2.06
CA LEU A 367 -19.91 -20.47 -2.41
C LEU A 367 -18.90 -19.62 -3.15
N ALA A 368 -17.62 -19.75 -2.77
CA ALA A 368 -16.66 -18.83 -3.36
C ALA A 368 -16.09 -19.38 -4.66
N PRO A 369 -15.99 -18.53 -5.68
CA PRO A 369 -15.40 -18.96 -6.94
C PRO A 369 -13.92 -19.25 -6.76
N ASN A 370 -13.39 -20.08 -7.64
CA ASN A 370 -12.00 -20.45 -7.50
C ASN A 370 -11.10 -19.35 -8.06
N LYS A 371 -9.87 -19.34 -7.57
CA LYS A 371 -8.89 -18.44 -8.15
C LYS A 371 -8.65 -18.82 -9.60
N PRO A 372 -8.31 -17.88 -10.45
CA PRO A 372 -8.14 -18.19 -11.87
C PRO A 372 -6.97 -19.15 -12.08
N ASP A 373 -7.17 -20.09 -13.00
CA ASP A 373 -6.06 -20.91 -13.45
C ASP A 373 -5.14 -20.08 -14.35
N GLU A 374 -3.99 -20.65 -14.69
CA GLU A 374 -2.97 -19.88 -15.40
C GLU A 374 -3.44 -19.46 -16.79
N LYS A 375 -4.04 -20.40 -17.53
CA LYS A 375 -4.64 -20.05 -18.81
C LYS A 375 -5.68 -18.96 -18.64
N GLU A 376 -6.59 -19.13 -17.67
CA GLU A 376 -7.61 -18.12 -17.44
C GLU A 376 -7.00 -16.78 -17.02
N LEU A 377 -5.93 -16.83 -16.21
CA LEU A 377 -5.24 -15.61 -15.80
C LEU A 377 -4.75 -14.82 -17.01
N ALA A 378 -4.13 -15.52 -17.97
CA ALA A 378 -3.73 -14.88 -19.20
C ALA A 378 -4.94 -14.35 -19.97
N ARG A 379 -6.04 -15.09 -19.94
CA ARG A 379 -7.27 -14.72 -20.68
C ARG A 379 -7.82 -13.36 -20.21
N ARG A 380 -7.65 -13.03 -18.93
CA ARG A 380 -8.20 -11.75 -18.38
C ARG A 380 -7.09 -10.73 -18.17
N HIS A 381 -5.92 -10.93 -18.78
CA HIS A 381 -4.78 -10.00 -18.60
C HIS A 381 -4.73 -8.94 -19.70
N GLN A 382 -5.82 -8.82 -20.47
CA GLN A 382 -5.90 -7.81 -21.56
C GLN A 382 -6.03 -6.39 -20.97
N SER A 383 -5.69 -5.38 -21.76
CA SER A 383 -5.68 -3.95 -21.35
C SER A 383 -7.07 -3.50 -20.89
N HIS A 384 -7.11 -2.62 -19.88
CA HIS A 384 -8.37 -2.08 -19.31
C HIS A 384 -8.45 -0.57 -19.60
N GLU A 385 -9.62 -0.10 -20.04
CA GLU A 385 -9.81 1.33 -20.39
C GLU A 385 -9.61 2.21 -19.14
N GLY A 386 -8.91 3.33 -19.32
CA GLY A 386 -8.59 4.29 -18.24
C GLY A 386 -9.74 5.26 -17.96
N GLY A 387 -9.62 6.04 -16.88
CA GLY A 387 -10.62 7.05 -16.50
C GLY A 387 -10.58 8.25 -17.44
N TYR A 388 -11.68 9.01 -17.52
CA TYR A 388 -11.77 10.19 -18.43
C TYR A 388 -10.86 11.32 -17.96
N ILE A 389 -10.06 11.85 -18.89
CA ILE A 389 -9.16 12.96 -18.63
C ILE A 389 -9.24 13.93 -19.80
N LYS A 390 -9.34 15.23 -19.49
CA LYS A 390 -9.37 16.28 -20.56
C LYS A 390 -7.97 16.90 -20.61
N GLU A 391 -7.43 17.14 -21.80
CA GLU A 391 -6.07 17.77 -21.86
C GLU A 391 -6.20 19.13 -21.18
N PRO A 392 -5.31 19.50 -20.25
CA PRO A 392 -5.44 20.76 -19.53
C PRO A 392 -5.25 21.94 -20.49
N GLU A 393 -6.04 23.00 -20.34
CA GLU A 393 -5.86 24.19 -21.19
C GLU A 393 -4.54 24.84 -20.75
N ARG A 394 -3.67 25.17 -21.71
CA ARG A 394 -2.34 25.75 -21.39
C ARG A 394 -2.48 27.17 -20.83
N GLY A 395 -1.54 27.57 -19.98
CA GLY A 395 -1.53 28.92 -19.39
C GLY A 395 -2.25 28.99 -18.06
N LEU A 396 -2.14 30.14 -17.38
CA LEU A 396 -2.79 30.38 -16.11
C LEU A 396 -4.19 30.94 -16.32
N TRP A 397 -5.09 30.58 -15.40
CA TRP A 397 -6.48 31.00 -15.46
C TRP A 397 -6.81 31.78 -14.19
N GLU A 398 -7.99 32.40 -14.18
CA GLU A 398 -8.40 33.27 -13.08
C GLU A 398 -9.66 32.74 -12.41
N ASN A 399 -9.64 32.73 -11.07
CA ASN A 399 -10.83 32.50 -10.24
C ASN A 399 -11.42 31.10 -10.46
N ILE A 400 -10.55 30.07 -10.46
CA ILE A 400 -10.97 28.75 -10.89
C ILE A 400 -11.28 27.86 -9.68
N VAL A 401 -12.33 27.05 -9.84
CA VAL A 401 -12.98 26.32 -8.76
C VAL A 401 -12.87 24.82 -9.02
N TYR A 402 -12.70 24.03 -7.96
CA TYR A 402 -12.55 22.59 -8.07
C TYR A 402 -13.76 21.89 -7.45
N LEU A 403 -14.37 20.99 -8.20
CA LEU A 403 -15.46 20.17 -7.69
C LEU A 403 -15.18 18.71 -8.01
N ASP A 404 -15.46 17.82 -7.07
CA ASP A 404 -15.23 16.39 -7.24
C ASP A 404 -16.36 15.59 -6.63
N PHE A 405 -16.51 14.36 -7.11
CA PHE A 405 -17.52 13.46 -6.57
C PHE A 405 -17.02 12.85 -5.27
N ARG A 406 -17.97 12.55 -4.38
CA ARG A 406 -17.70 11.76 -3.21
C ARG A 406 -17.89 10.29 -3.56
N SER A 407 -16.79 9.52 -3.55
CA SER A 407 -16.86 8.06 -3.68
C SER A 407 -17.52 7.65 -4.98
N LEU A 408 -17.03 8.20 -6.08
CA LEU A 408 -17.68 8.03 -7.39
C LEU A 408 -17.93 6.55 -7.69
N TYR A 409 -16.87 5.72 -7.58
CA TYR A 409 -17.01 4.32 -7.98
C TYR A 409 -17.81 3.50 -6.98
N PRO A 410 -17.56 3.57 -5.68
CA PRO A 410 -18.50 2.91 -4.75
C PRO A 410 -19.92 3.40 -4.92
N SER A 411 -20.12 4.69 -5.19
CA SER A 411 -21.48 5.21 -5.27
C SER A 411 -22.18 4.69 -6.51
N ILE A 412 -21.43 4.54 -7.60
CA ILE A 412 -21.97 3.93 -8.82
C ILE A 412 -22.36 2.48 -8.55
N ILE A 413 -21.44 1.70 -8.00
CA ILE A 413 -21.73 0.29 -7.75
C ILE A 413 -22.98 0.14 -6.88
N ILE A 414 -23.22 1.07 -5.96
CA ILE A 414 -24.38 0.90 -5.07
C ILE A 414 -25.65 1.36 -5.77
N THR A 415 -25.57 2.48 -6.51
CA THR A 415 -26.75 3.08 -7.12
C THR A 415 -27.28 2.20 -8.25
N HIS A 416 -26.39 1.64 -9.05
CA HIS A 416 -26.77 0.84 -10.19
C HIS A 416 -26.66 -0.65 -9.93
N ASN A 417 -26.31 -1.06 -8.70
CA ASN A 417 -26.36 -2.46 -8.25
C ASN A 417 -25.48 -3.35 -9.13
N VAL A 418 -24.25 -2.88 -9.40
CA VAL A 418 -23.35 -3.51 -10.36
C VAL A 418 -22.71 -4.73 -9.71
N SER A 419 -23.06 -5.91 -10.20
CA SER A 419 -22.52 -7.14 -9.64
C SER A 419 -22.69 -8.26 -10.66
N PRO A 420 -21.81 -9.27 -10.65
CA PRO A 420 -22.09 -10.47 -11.46
C PRO A 420 -23.44 -11.10 -11.16
N ASP A 421 -23.88 -11.05 -9.90
CA ASP A 421 -25.20 -11.57 -9.53
C ASP A 421 -26.31 -10.95 -10.38
N THR A 422 -26.18 -9.67 -10.71
CA THR A 422 -27.26 -8.90 -11.33
C THR A 422 -26.99 -8.57 -12.79
N LEU A 423 -25.93 -9.11 -13.36
CA LEU A 423 -25.57 -8.81 -14.74
C LEU A 423 -26.50 -9.58 -15.69
N ASN A 424 -27.33 -8.84 -16.43
CA ASN A 424 -28.13 -9.41 -17.51
C ASN A 424 -29.03 -10.53 -16.99
N ARG A 425 -29.58 -10.37 -15.79
CA ARG A 425 -30.57 -11.29 -15.27
C ARG A 425 -31.89 -11.07 -15.99
N GLU A 426 -32.64 -12.15 -16.21
CA GLU A 426 -33.88 -12.09 -16.97
C GLU A 426 -35.09 -12.14 -16.06
N GLY A 427 -36.14 -11.41 -16.42
CA GLY A 427 -37.41 -11.54 -15.76
C GLY A 427 -37.65 -10.58 -14.64
N CYS A 428 -36.82 -9.54 -14.50
CA CYS A 428 -36.91 -8.56 -13.43
C CYS A 428 -37.65 -7.31 -13.91
N LYS A 429 -38.36 -6.66 -12.97
CA LYS A 429 -39.15 -5.48 -13.28
C LYS A 429 -38.29 -4.26 -13.64
N GLU A 430 -37.09 -4.14 -13.07
CA GLU A 430 -36.32 -2.90 -13.20
C GLU A 430 -34.85 -3.20 -13.52
N TYR A 431 -34.24 -2.34 -14.33
CA TYR A 431 -32.88 -2.55 -14.81
C TYR A 431 -32.19 -1.20 -14.98
N ASP A 432 -30.87 -1.18 -14.76
CA ASP A 432 -30.03 -0.04 -15.11
C ASP A 432 -29.07 -0.42 -16.25
N VAL A 433 -28.85 0.51 -17.18
CA VAL A 433 -28.08 0.24 -18.40
C VAL A 433 -26.83 1.13 -18.44
N ALA A 434 -25.66 0.49 -18.65
CA ALA A 434 -24.40 1.20 -18.66
C ALA A 434 -24.24 2.01 -19.94
N PRO A 435 -23.59 3.15 -19.86
CA PRO A 435 -23.46 4.00 -21.06
C PRO A 435 -22.33 3.45 -21.92
N GLN A 436 -22.60 3.35 -23.22
CA GLN A 436 -21.61 3.08 -24.26
C GLN A 436 -21.11 1.64 -24.23
N VAL A 437 -21.47 0.88 -23.19
CA VAL A 437 -21.21 -0.55 -23.15
C VAL A 437 -22.47 -1.37 -22.96
N GLY A 438 -23.58 -0.71 -22.58
CA GLY A 438 -24.89 -1.32 -22.64
C GLY A 438 -25.18 -2.41 -21.64
N HIS A 439 -24.29 -2.67 -20.68
CA HIS A 439 -24.60 -3.76 -19.77
C HIS A 439 -25.83 -3.39 -18.94
N ARG A 440 -26.64 -4.40 -18.61
CA ARG A 440 -27.87 -4.19 -17.86
C ARG A 440 -27.75 -4.92 -16.52
N PHE A 441 -28.13 -4.23 -15.45
CA PHE A 441 -28.07 -4.77 -14.10
C PHE A 441 -29.47 -4.74 -13.51
N CYS A 442 -29.88 -5.88 -12.96
CA CYS A 442 -31.20 -5.97 -12.36
C CYS A 442 -31.27 -5.16 -11.06
N LYS A 443 -32.41 -4.53 -10.82
CA LYS A 443 -32.62 -3.70 -9.64
C LYS A 443 -33.56 -4.34 -8.64
N ASP A 444 -33.98 -5.59 -8.87
CA ASP A 444 -34.99 -6.17 -8.00
C ASP A 444 -34.36 -6.72 -6.72
N PHE A 445 -33.13 -7.24 -6.78
CA PHE A 445 -32.51 -7.72 -5.57
C PHE A 445 -31.06 -7.24 -5.49
N PRO A 446 -30.61 -6.89 -4.29
CA PRO A 446 -29.26 -6.34 -4.14
C PRO A 446 -28.20 -7.39 -4.41
N GLY A 447 -27.17 -7.00 -5.19
CA GLY A 447 -26.06 -7.90 -5.43
C GLY A 447 -25.23 -8.14 -4.18
N PHE A 448 -24.32 -9.11 -4.28
CA PHE A 448 -23.38 -9.45 -3.20
C PHE A 448 -22.46 -8.29 -2.82
N ILE A 449 -21.57 -7.90 -3.75
CA ILE A 449 -20.71 -6.73 -3.52
C ILE A 449 -21.54 -5.48 -3.27
N PRO A 450 -22.55 -5.12 -4.09
CA PRO A 450 -23.30 -3.89 -3.80
C PRO A 450 -23.90 -3.89 -2.42
N SER A 451 -24.42 -5.03 -1.96
CA SER A 451 -24.94 -5.13 -0.59
C SER A 451 -23.87 -4.80 0.45
N LEU A 452 -22.71 -5.47 0.35
CA LEU A 452 -21.67 -5.22 1.35
C LEU A 452 -21.18 -3.78 1.27
N LEU A 453 -21.04 -3.25 0.06
CA LEU A 453 -20.58 -1.87 -0.12
C LEU A 453 -21.55 -0.89 0.50
N GLY A 454 -22.85 -1.11 0.30
CA GLY A 454 -23.83 -0.23 0.91
C GLY A 454 -23.77 -0.24 2.43
N ASP A 455 -23.67 -1.44 3.01
CA ASP A 455 -23.53 -1.49 4.47
C ASP A 455 -22.27 -0.79 4.94
N LEU A 456 -21.19 -0.92 4.17
CA LEU A 456 -19.94 -0.24 4.53
C LEU A 456 -20.13 1.27 4.57
N LEU A 457 -20.72 1.83 3.51
CA LEU A 457 -20.91 3.28 3.48
C LEU A 457 -21.89 3.73 4.56
N GLU A 458 -22.94 2.94 4.80
CA GLU A 458 -23.83 3.20 5.93
C GLU A 458 -23.05 3.36 7.24
N GLU A 459 -22.24 2.35 7.55
CA GLU A 459 -21.49 2.36 8.80
C GLU A 459 -20.53 3.55 8.87
N ARG A 460 -19.86 3.86 7.75
CA ARG A 460 -18.93 4.97 7.77
C ARG A 460 -19.66 6.29 8.08
N GLN A 461 -20.87 6.46 7.53
CA GLN A 461 -21.63 7.67 7.83
C GLN A 461 -22.04 7.72 9.30
N LYS A 462 -22.52 6.60 9.82
CA LYS A 462 -22.85 6.51 11.25
C LYS A 462 -21.65 6.89 12.12
N ILE A 463 -20.46 6.40 11.77
CA ILE A 463 -19.27 6.68 12.56
C ILE A 463 -18.93 8.16 12.50
N LYS A 464 -19.12 8.78 11.33
CA LYS A 464 -18.83 10.20 11.21
C LYS A 464 -19.72 11.03 12.15
N LYS A 465 -21.01 10.72 12.17
CA LYS A 465 -21.91 11.45 13.06
C LYS A 465 -21.55 11.22 14.53
N ARG A 466 -21.30 9.96 14.91
CA ARG A 466 -20.86 9.67 16.27
C ARG A 466 -19.59 10.45 16.63
N MET A 467 -18.74 10.69 15.64
CA MET A 467 -17.49 11.45 15.87
C MET A 467 -17.83 12.89 16.28
N LYS A 468 -18.76 13.52 15.57
CA LYS A 468 -19.17 14.92 15.83
C LYS A 468 -19.83 15.07 17.20
N ALA A 469 -20.63 14.08 17.61
CA ALA A 469 -21.41 14.18 18.87
C ALA A 469 -20.69 13.63 20.12
N THR A 470 -19.46 13.13 20.00
CA THR A 470 -18.84 12.59 21.21
C THR A 470 -18.03 13.67 21.92
N ILE A 471 -18.14 13.69 23.25
CA ILE A 471 -17.29 14.57 24.04
C ILE A 471 -15.91 13.95 24.23
N ASP A 472 -15.84 12.63 24.22
CA ASP A 472 -14.60 11.89 24.54
C ASP A 472 -13.58 12.03 23.42
N PRO A 473 -12.43 12.69 23.68
CA PRO A 473 -11.43 12.85 22.60
C PRO A 473 -10.77 11.54 22.18
N ILE A 474 -10.61 10.58 23.10
CA ILE A 474 -10.05 9.27 22.76
C ILE A 474 -10.98 8.51 21.81
N GLU A 475 -12.28 8.42 22.18
CA GLU A 475 -13.23 7.77 21.30
C GLU A 475 -13.26 8.45 19.93
N ARG A 476 -13.07 9.77 19.89
CA ARG A 476 -13.11 10.43 18.60
C ARG A 476 -11.95 9.97 17.73
N LYS A 477 -10.76 9.92 18.30
CA LYS A 477 -9.60 9.47 17.52
C LYS A 477 -9.79 8.02 17.03
N LEU A 478 -10.28 7.16 17.94
CA LEU A 478 -10.59 5.77 17.57
C LEU A 478 -11.55 5.69 16.37
N LEU A 479 -12.66 6.42 16.43
CA LEU A 479 -13.65 6.37 15.35
C LEU A 479 -13.09 6.92 14.05
N ASP A 480 -12.21 7.91 14.14
CA ASP A 480 -11.52 8.36 12.93
C ASP A 480 -10.80 7.18 12.28
N TYR A 481 -10.02 6.44 13.08
CA TYR A 481 -9.31 5.29 12.53
C TYR A 481 -10.28 4.31 11.85
N ARG A 482 -11.36 3.99 12.56
CA ARG A 482 -12.32 3.01 12.04
C ARG A 482 -12.91 3.46 10.71
N GLN A 483 -13.28 4.73 10.62
CA GLN A 483 -13.91 5.20 9.39
C GLN A 483 -12.91 5.26 8.23
N ARG A 484 -11.65 5.56 8.52
CA ARG A 484 -10.65 5.53 7.45
C ARG A 484 -10.39 4.10 6.98
N ALA A 485 -10.45 3.13 7.90
CA ALA A 485 -10.33 1.74 7.50
C ALA A 485 -11.45 1.37 6.53
N ILE A 486 -12.68 1.76 6.86
CA ILE A 486 -13.79 1.49 5.96
C ILE A 486 -13.55 2.12 4.61
N LYS A 487 -13.06 3.35 4.59
CA LYS A 487 -12.79 4.00 3.31
C LYS A 487 -11.78 3.20 2.49
N ILE A 488 -10.72 2.71 3.14
CA ILE A 488 -9.69 1.95 2.43
C ILE A 488 -10.28 0.68 1.80
N LEU A 489 -11.05 -0.07 2.60
CA LEU A 489 -11.71 -1.26 2.05
C LEU A 489 -12.67 -0.89 0.91
N ALA A 490 -13.59 0.06 1.14
CA ALA A 490 -14.58 0.40 0.13
C ALA A 490 -13.94 0.86 -1.17
N ASN A 491 -12.84 1.57 -1.09
CA ASN A 491 -12.17 2.01 -2.29
C ASN A 491 -11.37 0.91 -2.95
N SER A 492 -11.04 -0.14 -2.20
CA SER A 492 -10.38 -1.29 -2.81
C SER A 492 -11.34 -2.15 -3.63
N LEU A 493 -12.65 -1.95 -3.48
CA LEU A 493 -13.62 -2.88 -4.06
C LEU A 493 -13.67 -2.79 -5.58
N TYR A 494 -13.66 -1.60 -6.16
CA TYR A 494 -13.61 -1.50 -7.61
C TYR A 494 -12.39 -2.22 -8.16
N GLY A 495 -11.23 -2.06 -7.51
CA GLY A 495 -10.03 -2.75 -7.97
C GLY A 495 -10.19 -4.26 -7.98
N TYR A 496 -11.09 -4.78 -7.16
CA TYR A 496 -11.28 -6.21 -7.09
C TYR A 496 -12.01 -6.73 -8.31
N TYR A 497 -12.97 -5.96 -8.84
CA TYR A 497 -13.70 -6.36 -10.03
C TYR A 497 -12.77 -6.60 -11.23
N GLY A 498 -11.64 -5.91 -11.25
CA GLY A 498 -10.73 -6.03 -12.37
C GLY A 498 -9.42 -6.67 -11.96
N TYR A 499 -9.33 -7.05 -10.69
CA TYR A 499 -8.14 -7.72 -10.17
C TYR A 499 -7.97 -9.06 -10.87
N ALA A 500 -6.79 -9.25 -11.48
CA ALA A 500 -6.59 -10.45 -12.30
C ALA A 500 -6.78 -11.72 -11.47
N ARG A 501 -6.20 -11.78 -10.27
CA ARG A 501 -6.24 -12.97 -9.43
C ARG A 501 -7.50 -13.06 -8.59
N ALA A 502 -8.46 -12.18 -8.79
CA ALA A 502 -9.64 -12.14 -7.94
C ALA A 502 -10.53 -13.35 -8.16
N ARG A 503 -11.13 -13.82 -7.07
CA ARG A 503 -12.13 -14.88 -7.16
C ARG A 503 -13.43 -14.37 -7.78
N TRP A 504 -13.88 -13.19 -7.35
CA TRP A 504 -15.13 -12.61 -7.85
C TRP A 504 -14.89 -11.64 -9.01
N TYR A 505 -13.90 -11.91 -9.86
CA TYR A 505 -13.61 -11.07 -11.02
C TYR A 505 -14.84 -10.92 -11.90
N CYS A 506 -15.08 -9.70 -12.39
CA CYS A 506 -16.11 -9.50 -13.40
C CYS A 506 -15.69 -8.38 -14.34
N LYS A 507 -15.29 -8.77 -15.56
CA LYS A 507 -14.84 -7.80 -16.56
C LYS A 507 -15.90 -6.76 -16.83
N GLU A 508 -17.13 -7.21 -17.10
CA GLU A 508 -18.19 -6.32 -17.53
C GLU A 508 -18.55 -5.32 -16.43
N CYS A 509 -18.59 -5.78 -15.18
CA CYS A 509 -18.79 -4.86 -14.05
C CYS A 509 -17.76 -3.74 -14.07
N ALA A 510 -16.49 -4.10 -14.24
CA ALA A 510 -15.42 -3.10 -14.21
C ALA A 510 -15.62 -2.07 -15.31
N GLU A 511 -15.81 -2.54 -16.55
CA GLU A 511 -15.95 -1.57 -17.64
C GLU A 511 -17.20 -0.74 -17.48
N SER A 512 -18.26 -1.32 -16.94
CA SER A 512 -19.47 -0.55 -16.71
C SER A 512 -19.24 0.54 -15.67
N VAL A 513 -18.53 0.22 -14.59
CA VAL A 513 -18.24 1.24 -13.57
C VAL A 513 -17.46 2.39 -14.20
N ILE A 514 -16.42 2.06 -14.96
CA ILE A 514 -15.60 3.13 -15.60
C ILE A 514 -16.49 3.97 -16.53
N ALA A 515 -17.30 3.32 -17.36
CA ALA A 515 -18.15 4.05 -18.33
C ALA A 515 -19.13 4.96 -17.58
N TRP A 516 -19.74 4.45 -16.50
CA TRP A 516 -20.69 5.25 -15.69
C TRP A 516 -19.96 6.45 -15.09
N GLY A 517 -18.71 6.25 -14.63
CA GLY A 517 -17.91 7.33 -14.05
C GLY A 517 -17.63 8.41 -15.09
N ARG A 518 -17.21 8.00 -16.28
CA ARG A 518 -16.94 8.95 -17.36
C ARG A 518 -18.21 9.68 -17.76
N GLU A 519 -19.32 8.95 -17.91
CA GLU A 519 -20.57 9.60 -18.28
C GLU A 519 -20.94 10.69 -17.27
N TYR A 520 -20.90 10.36 -15.97
CA TYR A 520 -21.30 11.35 -14.98
C TYR A 520 -20.35 12.54 -14.98
N LEU A 521 -19.05 12.31 -15.10
CA LEU A 521 -18.10 13.42 -15.13
C LEU A 521 -18.32 14.32 -16.35
N THR A 522 -18.36 13.73 -17.55
CA THR A 522 -18.50 14.56 -18.75
C THR A 522 -19.86 15.23 -18.83
N MET A 523 -20.91 14.55 -18.38
CA MET A 523 -22.23 15.17 -18.40
C MET A 523 -22.28 16.34 -17.42
N THR A 524 -21.68 16.17 -16.25
CA THR A 524 -21.60 17.27 -15.30
C THR A 524 -20.87 18.47 -15.91
N ILE A 525 -19.75 18.23 -16.59
CA ILE A 525 -19.00 19.31 -17.23
C ILE A 525 -19.84 19.96 -18.34
N LYS A 526 -20.51 19.14 -19.14
CA LYS A 526 -21.33 19.68 -20.23
C LYS A 526 -22.36 20.64 -19.69
N GLU A 527 -23.10 20.23 -18.67
CA GLU A 527 -24.16 21.10 -18.17
C GLU A 527 -23.59 22.26 -17.36
N ILE A 528 -22.39 22.15 -16.79
CA ILE A 528 -21.84 23.31 -16.10
C ILE A 528 -21.42 24.38 -17.09
N GLU A 529 -21.05 23.99 -18.31
CA GLU A 529 -20.77 25.04 -19.28
C GLU A 529 -22.02 25.51 -19.99
N GLU A 530 -22.81 24.56 -20.50
CA GLU A 530 -23.96 24.92 -21.34
C GLU A 530 -25.07 25.59 -20.55
N LYS A 531 -25.21 25.24 -19.27
CA LYS A 531 -26.30 25.75 -18.43
C LYS A 531 -25.85 26.61 -17.24
N TYR A 532 -24.56 26.76 -17.03
CA TYR A 532 -24.11 27.75 -16.04
C TYR A 532 -22.92 28.60 -16.53
N GLY A 533 -22.50 28.49 -17.78
CA GLY A 533 -21.52 29.37 -18.36
C GLY A 533 -20.13 29.23 -17.80
N PHE A 534 -19.69 28.01 -17.52
CA PHE A 534 -18.43 27.72 -16.87
C PHE A 534 -17.46 27.11 -17.86
N LYS A 535 -16.18 27.42 -17.69
CA LYS A 535 -15.12 26.82 -18.48
C LYS A 535 -14.29 25.90 -17.61
N VAL A 536 -14.14 24.64 -18.02
CA VAL A 536 -13.34 23.67 -17.27
C VAL A 536 -11.93 23.67 -17.83
N ILE A 537 -10.95 23.97 -16.97
CA ILE A 537 -9.56 24.00 -17.41
C ILE A 537 -8.98 22.60 -17.45
N TYR A 538 -9.28 21.81 -16.43
CA TYR A 538 -8.60 20.51 -16.31
C TYR A 538 -9.50 19.55 -15.56
N SER A 539 -9.39 18.25 -15.84
CA SER A 539 -10.27 17.30 -15.20
C SER A 539 -9.59 15.95 -15.15
N ASP A 540 -9.88 15.17 -14.10
CA ASP A 540 -9.27 13.83 -14.04
C ASP A 540 -10.19 12.88 -13.26
N THR A 541 -11.03 12.18 -13.99
CA THR A 541 -11.73 10.94 -13.63
C THR A 541 -12.82 11.18 -12.58
N ASP A 542 -12.58 12.01 -11.56
CA ASP A 542 -13.63 12.19 -10.57
C ASP A 542 -13.79 13.64 -10.13
N GLY A 543 -13.34 14.61 -10.94
CA GLY A 543 -13.35 16.01 -10.54
C GLY A 543 -12.79 16.87 -11.65
N PHE A 544 -13.01 18.20 -11.49
CA PHE A 544 -12.58 19.15 -12.50
C PHE A 544 -12.30 20.52 -11.90
N PHE A 545 -11.38 21.24 -12.57
CA PHE A 545 -11.01 22.63 -12.36
C PHE A 545 -11.68 23.46 -13.44
N ALA A 546 -12.57 24.36 -13.02
CA ALA A 546 -13.36 25.21 -13.92
C ALA A 546 -13.42 26.63 -13.35
N THR A 547 -13.82 27.58 -14.19
CA THR A 547 -13.92 28.94 -13.67
C THR A 547 -14.84 29.81 -14.51
N ILE A 548 -14.91 31.06 -14.09
CA ILE A 548 -15.44 32.24 -14.73
C ILE A 548 -14.31 33.02 -15.43
N PRO A 549 -14.58 33.52 -16.63
CA PRO A 549 -13.69 34.53 -17.19
C PRO A 549 -13.49 35.74 -16.28
N GLY A 550 -14.57 36.42 -15.91
CA GLY A 550 -14.49 37.46 -14.91
C GLY A 550 -15.43 37.27 -13.74
N ALA A 551 -14.85 37.08 -12.56
CA ALA A 551 -15.55 37.08 -11.30
C ALA A 551 -14.53 37.02 -10.17
N ASP A 552 -15.05 37.13 -8.94
CA ASP A 552 -14.30 37.26 -7.69
C ASP A 552 -14.66 36.08 -6.81
N ALA A 553 -14.02 36.00 -5.62
CA ALA A 553 -14.12 34.78 -4.80
C ALA A 553 -15.54 34.55 -4.30
N GLU A 554 -16.17 35.60 -3.76
CA GLU A 554 -17.55 35.46 -3.26
C GLU A 554 -18.52 35.14 -4.39
N THR A 555 -18.39 35.85 -5.50
CA THR A 555 -19.14 35.51 -6.71
C THR A 555 -18.97 34.03 -7.07
N VAL A 556 -17.69 33.58 -7.08
CA VAL A 556 -17.36 32.20 -7.43
C VAL A 556 -18.18 31.25 -6.59
N LYS A 557 -18.15 31.45 -5.27
CA LYS A 557 -18.79 30.51 -4.35
C LYS A 557 -20.31 30.48 -4.53
N LYS A 558 -20.92 31.67 -4.49
CA LYS A 558 -22.37 31.75 -4.64
C LYS A 558 -22.82 31.13 -5.95
N LYS A 559 -22.12 31.41 -7.05
CA LYS A 559 -22.53 30.86 -8.34
C LYS A 559 -22.31 29.35 -8.39
N ALA A 560 -21.20 28.87 -7.79
CA ALA A 560 -20.88 27.45 -7.85
C ALA A 560 -21.93 26.60 -7.14
N MET A 561 -22.49 27.11 -6.03
CA MET A 561 -23.45 26.27 -5.33
C MET A 561 -24.77 26.14 -6.08
N GLU A 562 -25.10 27.09 -6.95
CA GLU A 562 -26.29 26.95 -7.79
C GLU A 562 -26.16 25.71 -8.68
N PHE A 563 -25.04 25.60 -9.40
CA PHE A 563 -24.82 24.40 -10.20
C PHE A 563 -24.78 23.17 -9.32
N LEU A 564 -24.22 23.28 -8.12
CA LEU A 564 -24.09 22.07 -7.30
C LEU A 564 -25.45 21.53 -6.88
N LYS A 565 -26.38 22.41 -6.48
CA LYS A 565 -27.71 21.94 -6.11
C LYS A 565 -28.48 21.42 -7.31
N TYR A 566 -28.43 22.17 -8.42
CA TYR A 566 -29.09 21.72 -9.64
C TYR A 566 -28.64 20.30 -10.02
N ILE A 567 -27.32 20.10 -10.07
CA ILE A 567 -26.77 18.82 -10.49
C ILE A 567 -27.00 17.73 -9.44
N ASN A 568 -27.00 18.09 -8.15
CA ASN A 568 -27.26 17.07 -7.13
C ASN A 568 -28.70 16.61 -7.17
N ALA A 569 -29.62 17.52 -7.49
CA ALA A 569 -31.01 17.11 -7.67
C ALA A 569 -31.15 16.21 -8.88
N LYS A 570 -30.38 16.48 -9.95
CA LYS A 570 -30.48 15.60 -11.12
C LYS A 570 -29.65 14.33 -10.96
N LEU A 571 -28.56 14.37 -10.21
CA LEU A 571 -27.73 13.18 -10.04
C LEU A 571 -28.53 12.06 -9.38
N PRO A 572 -28.28 10.81 -9.77
CA PRO A 572 -29.10 9.71 -9.25
C PRO A 572 -28.55 9.10 -7.97
N GLY A 573 -29.40 8.93 -6.97
CA GLY A 573 -29.02 8.16 -5.79
C GLY A 573 -27.81 8.72 -5.07
N ALA A 574 -26.85 7.84 -4.79
CA ALA A 574 -25.70 8.24 -3.98
C ALA A 574 -24.78 9.17 -4.76
N LEU A 575 -24.80 9.10 -6.09
CA LEU A 575 -23.97 9.97 -6.91
C LEU A 575 -24.15 11.43 -6.50
N GLU A 576 -23.04 12.06 -6.13
CA GLU A 576 -23.10 13.41 -5.57
C GLU A 576 -21.79 14.13 -5.85
N LEU A 577 -21.90 15.41 -6.16
CA LEU A 577 -20.77 16.27 -6.40
C LEU A 577 -20.68 17.29 -5.28
N GLU A 578 -19.45 17.69 -4.96
CA GLU A 578 -19.20 18.59 -3.85
C GLU A 578 -18.15 19.62 -4.26
N TYR A 579 -18.02 20.64 -3.42
CA TYR A 579 -17.11 21.76 -3.61
C TYR A 579 -16.00 21.60 -2.58
N GLU A 580 -14.79 21.32 -3.04
CA GLU A 580 -13.67 21.15 -2.12
C GLU A 580 -12.60 22.23 -2.26
N GLY A 581 -12.44 22.82 -3.44
CA GLY A 581 -11.33 23.73 -3.66
C GLY A 581 -11.68 25.07 -4.26
N PHE A 582 -11.22 26.12 -3.58
CA PHE A 582 -11.18 27.47 -4.11
C PHE A 582 -9.72 27.82 -4.42
N TYR A 583 -9.45 28.32 -5.61
CA TYR A 583 -8.06 28.58 -5.99
C TYR A 583 -8.02 29.81 -6.89
N LYS A 584 -7.10 30.73 -6.63
CA LYS A 584 -7.17 32.03 -7.31
C LYS A 584 -6.74 31.93 -8.75
N ARG A 585 -5.82 31.04 -9.07
CA ARG A 585 -5.17 31.02 -10.39
C ARG A 585 -4.40 29.71 -10.38
N GLY A 586 -4.31 29.15 -11.56
CA GLY A 586 -3.77 27.82 -11.71
C GLY A 586 -2.91 27.80 -12.95
N LEU A 587 -1.84 27.02 -12.92
CA LEU A 587 -0.97 26.83 -14.06
C LEU A 587 -0.99 25.35 -14.37
N PHE A 588 -1.52 24.98 -15.54
CA PHE A 588 -1.69 23.58 -15.91
C PHE A 588 -0.80 23.30 -17.11
N VAL A 589 0.18 22.42 -16.92
CA VAL A 589 1.20 22.19 -17.95
C VAL A 589 0.81 21.04 -18.86
N THR A 590 0.40 19.93 -18.27
CA THR A 590 -0.16 18.81 -19.01
C THR A 590 -1.00 17.99 -18.05
N LYS A 591 -1.57 16.90 -18.57
CA LYS A 591 -2.35 16.00 -17.73
C LYS A 591 -1.51 15.57 -16.54
N LYS A 592 -2.10 15.64 -15.35
CA LYS A 592 -1.47 15.25 -14.10
C LYS A 592 -0.25 16.09 -13.75
N LYS A 593 -0.15 17.31 -14.29
CA LYS A 593 1.00 18.17 -14.01
C LYS A 593 0.51 19.61 -13.88
N TYR A 594 0.24 20.05 -12.66
CA TYR A 594 -0.28 21.40 -12.48
C TYR A 594 0.17 21.99 -11.15
N ALA A 595 -0.05 23.29 -11.02
CA ALA A 595 0.27 24.04 -9.82
C ALA A 595 -0.87 25.01 -9.57
N VAL A 596 -1.42 25.00 -8.37
CA VAL A 596 -2.51 25.95 -8.13
C VAL A 596 -2.26 26.63 -6.79
N ILE A 597 -2.73 27.86 -6.68
CA ILE A 597 -2.50 28.64 -5.47
C ILE A 597 -3.84 29.12 -4.94
N ASP A 598 -3.95 29.18 -3.62
CA ASP A 598 -5.22 29.42 -2.98
C ASP A 598 -5.31 30.87 -2.52
N GLU A 599 -6.51 31.24 -2.07
CA GLU A 599 -6.74 32.62 -1.64
C GLU A 599 -5.86 32.97 -0.45
N GLU A 600 -5.58 32.00 0.41
CA GLU A 600 -4.73 32.26 1.57
C GLU A 600 -3.27 32.42 1.19
N GLY A 601 -2.83 31.85 0.06
CA GLY A 601 -1.46 31.96 -0.39
C GLY A 601 -0.68 30.66 -0.41
N LYS A 602 -1.29 29.55 0.01
CA LYS A 602 -0.67 28.26 -0.14
C LYS A 602 -0.72 27.81 -1.59
N ILE A 603 0.33 27.12 -2.03
CA ILE A 603 0.43 26.62 -3.39
C ILE A 603 0.65 25.12 -3.30
N THR A 604 -0.03 24.38 -4.16
CA THR A 604 0.09 22.94 -4.16
C THR A 604 0.51 22.46 -5.55
N THR A 605 1.42 21.50 -5.54
CA THR A 605 2.10 20.99 -6.71
C THR A 605 1.55 19.61 -7.02
N ARG A 606 1.34 19.32 -8.30
CA ARG A 606 1.10 17.96 -8.72
C ARG A 606 1.96 17.68 -9.94
N GLY A 607 2.77 16.61 -9.86
CA GLY A 607 3.44 16.03 -10.99
C GLY A 607 4.53 16.87 -11.62
N LEU A 608 4.79 18.06 -11.10
CA LEU A 608 5.80 18.86 -11.76
C LEU A 608 7.19 18.36 -11.40
N GLU A 609 8.19 18.96 -12.04
CA GLU A 609 9.56 18.46 -11.93
C GLU A 609 10.04 18.43 -10.49
N ILE A 610 9.49 19.28 -9.63
CA ILE A 610 9.98 19.43 -8.26
C ILE A 610 10.02 18.10 -7.53
N VAL A 611 8.99 17.27 -7.72
CA VAL A 611 8.86 16.01 -6.99
C VAL A 611 9.39 14.82 -7.78
N ARG A 612 9.83 15.02 -9.03
CA ARG A 612 10.48 13.94 -9.76
C ARG A 612 11.90 13.74 -9.23
N ARG A 613 12.27 12.47 -9.01
CA ARG A 613 13.54 12.17 -8.37
C ARG A 613 14.72 12.66 -9.19
N ASP A 614 14.60 12.67 -10.52
CA ASP A 614 15.66 13.17 -11.40
C ASP A 614 15.48 14.67 -11.57
N TRP A 615 16.30 15.45 -10.87
CA TRP A 615 16.12 16.89 -10.86
C TRP A 615 17.36 17.54 -10.28
N SER A 616 17.67 18.73 -10.78
CA SER A 616 18.77 19.50 -10.20
C SER A 616 18.41 19.90 -8.78
N GLU A 617 19.34 19.70 -7.85
CA GLU A 617 19.02 19.91 -6.44
C GLU A 617 18.73 21.38 -6.15
N ILE A 618 19.46 22.29 -6.80
CA ILE A 618 19.42 23.70 -6.42
C ILE A 618 18.57 24.55 -7.37
N ALA A 619 17.98 23.96 -8.40
CA ALA A 619 17.05 24.72 -9.24
C ALA A 619 15.72 25.01 -8.54
N LYS A 620 15.59 24.59 -7.28
CA LYS A 620 14.34 24.73 -6.55
C LYS A 620 13.99 26.19 -6.29
N GLU A 621 14.99 27.02 -6.00
CA GLU A 621 14.73 28.42 -5.69
C GLU A 621 14.05 29.13 -6.87
N THR A 622 14.61 28.96 -8.07
CA THR A 622 14.00 29.59 -9.23
C THR A 622 12.71 28.88 -9.65
N GLN A 623 12.59 27.61 -9.34
CA GLN A 623 11.34 26.89 -9.69
C GLN A 623 10.21 27.50 -8.85
N ALA A 624 10.48 27.67 -7.57
CA ALA A 624 9.49 28.25 -6.67
C ALA A 624 9.25 29.71 -6.99
N ARG A 625 10.27 30.44 -7.40
CA ARG A 625 10.07 31.84 -7.75
C ARG A 625 9.21 31.97 -9.00
N VAL A 626 9.48 31.14 -10.01
CA VAL A 626 8.67 31.16 -11.23
C VAL A 626 7.22 30.83 -10.89
N LEU A 627 7.00 29.80 -10.08
CA LEU A 627 5.63 29.49 -9.70
C LEU A 627 5.00 30.62 -8.90
N GLU A 628 5.76 31.24 -8.00
CA GLU A 628 5.21 32.27 -7.11
C GLU A 628 4.95 33.58 -7.84
N ALA A 629 5.77 33.89 -8.85
CA ALA A 629 5.54 35.08 -9.66
C ALA A 629 4.43 34.85 -10.66
N LEU A 630 4.41 33.68 -11.27
CA LEU A 630 3.35 33.34 -12.21
C LEU A 630 2.02 33.30 -11.50
N LEU A 631 2.00 32.68 -10.33
CA LEU A 631 0.71 32.43 -9.72
C LEU A 631 0.27 33.64 -8.89
N LYS A 632 1.19 34.31 -8.19
CA LYS A 632 0.80 35.51 -7.43
C LYS A 632 0.81 36.77 -8.28
N ASP A 633 1.96 37.14 -8.85
CA ASP A 633 2.04 38.39 -9.60
C ASP A 633 1.22 38.30 -10.89
N GLY A 634 1.14 37.12 -11.49
CA GLY A 634 0.43 36.92 -12.75
C GLY A 634 1.15 37.46 -13.96
N ASP A 635 2.42 37.89 -13.82
CA ASP A 635 3.17 38.49 -14.93
C ASP A 635 4.07 37.44 -15.54
N VAL A 636 3.88 37.22 -16.84
CA VAL A 636 4.48 36.05 -17.48
C VAL A 636 5.83 36.41 -18.10
N GLU A 637 6.06 37.71 -18.40
CA GLU A 637 7.39 38.18 -18.77
C GLU A 637 8.29 38.33 -17.55
N LYS A 638 7.70 38.59 -16.39
CA LYS A 638 8.50 38.63 -15.18
C LYS A 638 9.13 37.27 -14.92
N ALA A 639 8.36 36.21 -15.13
CA ALA A 639 8.89 34.86 -14.95
C ALA A 639 10.07 34.60 -15.88
N VAL A 640 10.00 35.09 -17.11
CA VAL A 640 11.07 34.79 -18.06
C VAL A 640 12.26 35.71 -17.83
N ARG A 641 12.03 36.98 -17.47
CA ARG A 641 13.18 37.78 -17.14
C ARG A 641 13.80 37.34 -15.83
N ILE A 642 13.04 36.66 -14.96
CA ILE A 642 13.64 36.00 -13.81
C ILE A 642 14.52 34.84 -14.25
N VAL A 643 13.97 33.96 -15.10
CA VAL A 643 14.76 32.82 -15.58
C VAL A 643 16.00 33.31 -16.31
N LYS A 644 15.84 34.26 -17.23
CA LYS A 644 16.96 34.79 -17.99
C LYS A 644 17.94 35.58 -17.12
N GLU A 645 17.46 36.23 -16.06
CA GLU A 645 18.36 36.96 -15.17
C GLU A 645 19.18 36.00 -14.34
N VAL A 646 18.56 34.91 -13.88
CA VAL A 646 19.30 33.87 -13.19
C VAL A 646 20.31 33.23 -14.13
N THR A 647 19.91 32.94 -15.37
CA THR A 647 20.84 32.35 -16.34
C THR A 647 22.01 33.30 -16.60
N GLU A 648 21.73 34.60 -16.79
CA GLU A 648 22.78 35.57 -17.06
C GLU A 648 23.70 35.73 -15.85
N LYS A 649 23.14 35.71 -14.64
CA LYS A 649 23.97 35.87 -13.46
C LYS A 649 24.73 34.58 -13.16
N LEU A 650 24.15 33.43 -13.45
CA LEU A 650 24.92 32.19 -13.35
C LEU A 650 26.07 32.16 -14.34
N SER A 651 26.20 33.13 -15.23
CA SER A 651 27.40 33.22 -16.05
C SER A 651 28.66 33.25 -15.18
N LYS A 652 28.70 34.14 -14.19
CA LYS A 652 29.68 34.15 -13.09
C LYS A 652 29.32 35.33 -12.19
N TYR A 653 29.88 35.30 -10.97
CA TYR A 653 29.44 36.16 -9.85
C TYR A 653 28.04 35.75 -9.38
N GLU A 654 27.83 34.43 -9.28
CA GLU A 654 26.64 33.82 -8.69
C GLU A 654 27.05 32.99 -7.48
N VAL A 655 26.30 33.14 -6.39
CA VAL A 655 26.65 32.57 -5.09
C VAL A 655 26.48 31.05 -5.16
N PRO A 656 27.37 30.25 -4.55
CA PRO A 656 27.33 28.80 -4.74
C PRO A 656 26.01 28.19 -4.34
N PRO A 657 25.60 27.11 -5.06
CA PRO A 657 24.37 26.32 -4.92
C PRO A 657 24.61 25.00 -4.16
N ILE A 662 20.33 12.70 -9.51
CA ILE A 662 20.99 12.22 -10.72
C ILE A 662 21.24 10.73 -10.59
N HIS A 663 20.38 10.10 -9.79
CA HIS A 663 20.49 8.68 -9.47
C HIS A 663 19.23 7.96 -9.91
N LYS A 664 19.40 6.88 -10.69
CA LYS A 664 18.30 6.04 -11.14
C LYS A 664 18.48 4.63 -10.60
N GLN A 665 17.40 3.99 -10.16
CA GLN A 665 17.50 2.62 -9.69
C GLN A 665 17.49 1.64 -10.85
N ILE A 666 18.18 0.51 -10.65
CA ILE A 666 18.16 -0.62 -11.59
C ILE A 666 17.11 -1.60 -11.11
N THR A 667 16.22 -2.01 -12.02
CA THR A 667 15.11 -2.92 -11.64
C THR A 667 15.42 -4.38 -12.01
N ARG A 668 16.21 -4.62 -13.07
CA ARG A 668 16.50 -6.01 -13.49
C ARG A 668 18.00 -6.17 -13.80
N ASP A 669 18.52 -7.40 -13.77
CA ASP A 669 19.95 -7.67 -14.03
C ASP A 669 20.32 -7.26 -15.46
N LEU A 670 21.58 -6.87 -15.67
CA LEU A 670 22.07 -6.34 -16.97
C LEU A 670 21.86 -7.37 -18.09
N LYS A 671 22.07 -8.67 -17.82
CA LYS A 671 21.86 -9.69 -18.87
C LYS A 671 20.38 -9.68 -19.29
N ASP A 672 19.48 -9.50 -18.31
CA ASP A 672 18.02 -9.50 -18.54
C ASP A 672 17.56 -8.17 -19.17
N TYR A 673 18.30 -7.08 -18.96
CA TYR A 673 17.86 -5.76 -19.49
C TYR A 673 17.85 -5.79 -21.04
N LYS A 674 16.73 -5.36 -21.62
CA LYS A 674 16.53 -5.32 -23.09
C LYS A 674 17.47 -4.28 -23.74
N ALA A 675 17.63 -3.12 -23.10
CA ALA A 675 18.48 -2.05 -23.67
C ALA A 675 19.55 -1.60 -22.67
N THR A 676 20.28 -0.54 -23.01
CA THR A 676 21.35 0.00 -22.18
C THR A 676 21.26 1.52 -22.17
N GLY A 677 20.84 2.07 -21.05
CA GLY A 677 20.81 3.50 -20.84
C GLY A 677 22.10 3.98 -20.21
N PRO A 678 22.27 5.30 -20.10
CA PRO A 678 23.52 5.82 -19.55
C PRO A 678 23.83 5.34 -18.14
N HIS A 679 22.80 5.19 -17.29
CA HIS A 679 23.01 4.63 -15.97
C HIS A 679 23.19 3.13 -15.99
N VAL A 680 22.64 2.44 -17.01
CA VAL A 680 22.79 0.99 -17.12
C VAL A 680 24.17 0.62 -17.66
N ALA A 681 24.75 1.46 -18.54
CA ALA A 681 26.11 1.21 -19.01
C ALA A 681 27.11 1.24 -17.85
N VAL A 682 26.86 2.16 -16.91
CA VAL A 682 27.71 2.30 -15.69
C VAL A 682 27.63 1.00 -14.90
N ALA A 683 26.41 0.56 -14.59
CA ALA A 683 26.19 -0.68 -13.80
C ALA A 683 26.71 -1.90 -14.57
N LYS A 684 26.46 -1.96 -15.88
CA LYS A 684 26.93 -3.11 -16.69
C LYS A 684 28.46 -3.17 -16.64
N ARG A 685 29.10 -2.00 -16.78
CA ARG A 685 30.59 -1.93 -16.73
C ARG A 685 31.06 -2.34 -15.33
N LEU A 686 30.33 -1.92 -14.29
CA LEU A 686 30.67 -2.24 -12.88
C LEU A 686 30.73 -3.76 -12.71
N ALA A 687 29.89 -4.50 -13.42
CA ALA A 687 29.90 -5.95 -13.31
C ALA A 687 31.27 -6.52 -13.65
N ALA A 688 31.93 -5.97 -14.69
CA ALA A 688 33.33 -6.31 -14.93
C ALA A 688 34.23 -5.70 -13.86
N ARG A 689 33.89 -4.50 -13.39
CA ARG A 689 34.59 -3.90 -12.25
C ARG A 689 34.20 -4.55 -10.94
N GLY A 690 33.06 -5.25 -10.89
CA GLY A 690 32.77 -6.23 -9.87
C GLY A 690 31.96 -5.75 -8.69
N VAL A 691 31.99 -4.46 -8.35
CA VAL A 691 31.22 -4.01 -7.19
C VAL A 691 29.75 -4.34 -7.40
N LYS A 692 29.15 -4.95 -6.38
CA LYS A 692 27.93 -5.71 -6.58
C LYS A 692 26.74 -4.81 -6.80
N ILE A 693 25.90 -5.20 -7.74
CA ILE A 693 24.76 -4.43 -8.21
C ILE A 693 23.52 -5.29 -8.04
N ARG A 694 22.42 -4.67 -7.64
CA ARG A 694 21.22 -5.43 -7.34
C ARG A 694 20.03 -4.52 -7.55
N PRO A 695 18.85 -5.09 -7.83
CA PRO A 695 17.67 -4.26 -8.04
C PRO A 695 17.41 -3.34 -6.85
N GLY A 696 17.29 -2.04 -7.13
CA GLY A 696 17.05 -1.04 -6.12
C GLY A 696 18.25 -0.19 -5.74
N THR A 697 19.44 -0.53 -6.22
CA THR A 697 20.61 0.31 -5.98
C THR A 697 20.67 1.42 -7.01
N VAL A 698 21.37 2.49 -6.65
CA VAL A 698 21.19 3.77 -7.32
C VAL A 698 22.49 4.13 -8.02
N ILE A 699 22.37 4.47 -9.30
CA ILE A 699 23.50 4.84 -10.15
C ILE A 699 23.65 6.35 -10.11
N SER A 700 24.68 6.83 -9.42
CA SER A 700 25.04 8.25 -9.53
C SER A 700 26.05 8.45 -10.64
N TYR A 701 25.61 9.03 -11.73
CA TYR A 701 26.47 9.13 -12.89
C TYR A 701 26.51 10.57 -13.38
N ILE A 702 27.57 10.86 -14.11
CA ILE A 702 27.79 12.16 -14.71
C ILE A 702 28.05 11.95 -16.20
N VAL A 703 27.84 13.00 -16.99
CA VAL A 703 28.10 12.99 -18.43
C VAL A 703 29.09 14.11 -18.69
N LEU A 704 30.29 13.75 -19.16
CA LEU A 704 31.28 14.79 -19.43
C LEU A 704 31.13 15.34 -20.84
N LYS A 705 31.64 16.55 -21.02
CA LYS A 705 31.56 17.35 -22.23
C LYS A 705 32.49 16.74 -23.27
N GLY A 706 32.08 15.63 -23.88
CA GLY A 706 32.96 14.92 -24.80
C GLY A 706 32.16 14.17 -25.85
N SER A 707 32.74 14.10 -27.06
CA SER A 707 32.10 13.41 -28.18
C SER A 707 31.93 11.92 -27.89
N GLY A 708 30.79 11.36 -28.31
CA GLY A 708 30.49 9.95 -28.12
C GLY A 708 29.05 9.66 -27.75
N ARG A 709 28.72 8.37 -27.57
CA ARG A 709 27.38 8.00 -27.15
C ARG A 709 27.15 8.47 -25.71
N ILE A 710 25.89 8.60 -25.32
CA ILE A 710 25.60 9.07 -23.96
C ILE A 710 25.91 7.98 -22.94
N VAL A 711 25.68 6.71 -23.29
CA VAL A 711 26.18 5.59 -22.50
C VAL A 711 27.69 5.60 -22.45
N ASP A 712 28.31 5.92 -23.58
CA ASP A 712 29.78 6.02 -23.65
C ASP A 712 30.34 7.03 -22.64
N ARG A 713 29.74 8.22 -22.54
CA ARG A 713 30.33 9.26 -21.71
C ARG A 713 29.82 9.27 -20.26
N ALA A 714 28.87 8.41 -19.89
CA ALA A 714 28.40 8.36 -18.51
C ALA A 714 29.48 7.78 -17.59
N ILE A 715 29.65 8.42 -16.44
CA ILE A 715 30.73 8.16 -15.49
C ILE A 715 30.13 8.01 -14.10
N PRO A 716 30.73 7.16 -13.25
CA PRO A 716 30.28 7.15 -11.85
C PRO A 716 30.59 8.48 -11.18
N PHE A 717 29.76 8.85 -10.19
CA PHE A 717 29.87 10.22 -9.66
C PHE A 717 31.11 10.38 -8.78
N ASP A 718 31.45 9.37 -7.97
CA ASP A 718 32.66 9.49 -7.16
C ASP A 718 33.87 9.72 -8.06
N GLU A 719 33.89 9.09 -9.23
CA GLU A 719 34.87 9.40 -10.27
C GLU A 719 34.74 10.86 -10.69
N LYS A 726 28.35 18.14 -10.47
CA LYS A 726 28.03 18.97 -9.28
C LYS A 726 28.82 20.28 -9.37
N TYR A 727 29.71 20.40 -10.34
CA TYR A 727 30.55 21.62 -10.49
C TYR A 727 29.67 22.84 -10.71
N ASP A 728 28.62 22.70 -11.53
CA ASP A 728 27.64 23.78 -11.82
C ASP A 728 28.34 25.01 -12.41
N ALA A 729 29.35 24.80 -13.28
CA ALA A 729 30.09 25.92 -13.92
C ALA A 729 29.42 26.35 -15.22
N GLU A 730 28.27 27.04 -15.10
CA GLU A 730 27.42 27.61 -16.21
C GLU A 730 26.69 26.53 -17.02
N TYR A 731 27.42 25.61 -17.66
CA TYR A 731 26.82 24.57 -18.54
C TYR A 731 25.89 23.64 -17.77
N TYR A 732 26.26 23.31 -16.52
CA TYR A 732 25.43 22.37 -15.72
C TYR A 732 23.98 22.88 -15.68
N ILE A 733 23.80 24.19 -15.61
CA ILE A 733 22.45 24.82 -15.57
C ILE A 733 21.73 24.58 -16.89
N GLU A 734 22.45 24.16 -17.93
CA GLU A 734 21.82 23.92 -19.25
C GLU A 734 21.65 22.41 -19.50
N LYS A 735 21.79 21.58 -18.47
CA LYS A 735 21.65 20.11 -18.67
C LYS A 735 20.26 19.48 -18.87
N GLN A 736 19.33 19.64 -17.92
CA GLN A 736 17.91 19.26 -18.13
C GLN A 736 16.95 20.36 -17.64
N VAL A 737 17.47 21.57 -17.41
CA VAL A 737 16.60 22.69 -16.93
C VAL A 737 15.58 23.08 -18.02
N LEU A 738 15.99 23.07 -19.28
CA LEU A 738 15.12 23.57 -20.39
C LEU A 738 13.81 22.77 -20.47
N PRO A 739 13.81 21.43 -20.45
CA PRO A 739 12.56 20.66 -20.48
C PRO A 739 11.70 20.97 -19.25
N ALA A 740 12.36 21.12 -18.10
CA ALA A 740 11.67 21.38 -16.80
C ALA A 740 10.81 22.64 -16.84
N VAL A 741 11.04 23.57 -17.78
CA VAL A 741 10.25 24.83 -17.86
C VAL A 741 9.88 25.20 -19.31
N GLU A 742 10.27 24.39 -20.30
CA GLU A 742 9.97 24.76 -21.71
C GLU A 742 8.44 24.80 -21.95
N ARG A 743 7.71 23.80 -21.46
CA ARG A 743 6.24 23.73 -21.67
C ARG A 743 5.57 24.75 -20.74
N ILE A 744 6.13 24.89 -19.54
CA ILE A 744 5.62 25.82 -18.53
C ILE A 744 5.68 27.23 -19.09
N LEU A 745 6.80 27.54 -19.72
CA LEU A 745 7.05 28.90 -20.17
C LEU A 745 6.72 29.13 -21.63
N ARG A 746 6.36 28.07 -22.34
CA ARG A 746 5.97 28.22 -23.74
C ARG A 746 4.59 28.84 -23.83
N ALA A 747 3.73 28.50 -22.88
CA ALA A 747 2.37 29.02 -22.86
C ALA A 747 2.35 30.52 -23.07
N PHE A 748 3.44 31.19 -22.68
CA PHE A 748 3.57 32.63 -22.69
C PHE A 748 4.53 33.12 -23.78
N GLY A 749 4.82 32.28 -24.78
CA GLY A 749 5.52 32.68 -25.99
C GLY A 749 7.03 32.64 -25.94
N TYR A 750 7.62 32.09 -24.88
CA TYR A 750 9.07 32.10 -24.70
C TYR A 750 9.67 30.76 -25.06
N ARG A 751 10.46 30.73 -26.13
CA ARG A 751 11.01 29.49 -26.66
C ARG A 751 12.21 29.02 -25.85
N LYS A 752 12.52 27.72 -25.98
CA LYS A 752 13.73 27.14 -25.41
C LYS A 752 14.96 28.00 -25.73
N GLU A 753 15.06 28.47 -26.98
CA GLU A 753 16.22 29.24 -27.41
C GLU A 753 16.25 30.59 -26.71
N ASP A 754 15.08 31.21 -26.53
CA ASP A 754 15.01 32.54 -25.95
C ASP A 754 15.52 32.55 -24.50
N LEU A 755 15.23 31.49 -23.74
CA LEU A 755 15.58 31.48 -22.33
C LEU A 755 17.09 31.48 -22.12
N ARG A 756 17.80 30.57 -22.80
CA ARG A 756 19.26 30.48 -22.73
C ARG A 756 19.92 31.84 -22.94
S SO4 D . -1.98 -24.41 5.68
O1 SO4 D . -1.66 -23.99 4.32
O2 SO4 D . -1.74 -23.27 6.57
O3 SO4 D . -3.40 -24.82 5.70
O4 SO4 D . -1.12 -25.52 6.09
O16 TCE E . -6.37 15.88 23.53
C14 TCE E . -7.01 16.61 22.70
O15 TCE E . -8.22 16.96 22.93
C5 TCE E . -6.31 17.06 21.42
C2 TCE E . -4.96 16.33 21.28
P TCE E . -4.93 15.04 19.89
C3 TCE E . -5.10 15.82 18.20
C6 TCE E . -3.72 16.12 17.61
C8 TCE E . -3.14 14.90 16.87
O10 TCE E . -3.80 14.33 15.94
O9 TCE E . -2.00 14.48 17.19
C1 TCE E . -6.09 13.59 20.15
C4 TCE E . -5.34 12.46 20.87
C11 TCE E . -3.84 12.37 20.48
O12 TCE E . -2.92 12.97 21.15
O13 TCE E . -3.52 11.70 19.47
C1 EDO F . -4.15 5.87 19.74
O1 EDO F . -4.54 7.15 19.33
C2 EDO F . -5.13 5.26 20.74
O2 EDO F . -5.10 3.86 20.66
C1 EDO G . 0.00 8.69 20.11
O1 EDO G . -0.43 9.89 20.74
C2 EDO G . -1.06 7.61 20.22
O2 EDO G . -1.58 7.34 18.94
C1 EDO H . -6.67 3.34 23.68
O1 EDO H . -5.56 4.20 23.80
C2 EDO H . -7.31 3.14 25.06
O2 EDO H . -7.56 1.77 25.27
C1 EDO I . -9.11 1.01 27.36
O1 EDO I . -9.22 0.39 26.11
C2 EDO I . -10.26 0.57 28.26
O2 EDO I . -9.79 -0.29 29.26
#